data_8UVD
#
_entry.id   8UVD
#
_cell.length_a   1.00
_cell.length_b   1.00
_cell.length_c   1.00
_cell.angle_alpha   90.00
_cell.angle_beta   90.00
_cell.angle_gamma   90.00
#
_symmetry.space_group_name_H-M   'P 1'
#
loop_
_entity.id
_entity.type
_entity.pdbx_description
1 polymer 'Na(+)/dicarboxylate cotransporter 3'
2 non-polymer 'SODIUM ION'
3 non-polymer '(2R)-2-hydroxy-2-[2-(2-methoxy-5-methylpyridin-3-yl)ethyl]butanedioic acid'
4 non-polymer TETRADECANE
5 non-polymer 1,2-Distearoyl-sn-glycerophosphoethanolamine
6 non-polymer CHOLESTEROL
#
_entity_poly.entity_id   1
_entity_poly.type   'polypeptide(L)'
_entity_poly.pdbx_seq_one_letter_code
;MAALAAAAKKVWSARRLLVLLFTPLALLPVVFALPPKEGRCLFVILLMAVYWCTEALPLSVTALLPIVLFPFMGILPSNK
VCPQYFLDTNFLFLSGLIMASAIEEWNLHRRIALKILMLVGVQPARLILGMMVTTSFLSMWLSNTASTAMMLPIANAILK
SLFGQKEVRKDPSQESEENTAAVRRNGLHTVPTEMQFLASTEAKDHPGETEVPLDLPADSRKEDEYRRNIWKGFLISIPY
SASIGGTATLTGTAPNLILLGQLKSFFPQCDVVNFGSWFIFAFPLMLLFLLAGWLWISFLYGGLSFRGWRKNKSEIRTNA
EDRARAVIREEYQNLGPIKFAEQAVFILFCMFAILLFTRDPKFIPGWASLFNPGFLSDAVTGVAIVTILFFFPSQRPSLK
WWFDFKAPNTETEPLLTWKKAQETVPWNIILLLGGGFAMAKGCEESGLSVWIGGQLHPLENVPPALAVLLITVVIAFFTE
FASNTATIIIFLPVLAELAIRLRVHPLYLMIPGTVGCSFAFMLPVSTPPNSIAFASGHLLVKDMVRTGLLMNLMGVLLLS
LAMNTWAQTIFQLGTFPDWADMYSVNVTALPPTLANDTFRTLSGAGA
;
_entity_poly.pdbx_strand_id   A,B
#
loop_
_chem_comp.id
_chem_comp.type
_chem_comp.name
_chem_comp.formula
3PE non-polymer 1,2-Distearoyl-sn-glycerophosphoethanolamine 'C41 H82 N O8 P'
C14 non-polymer TETRADECANE 'C14 H30'
CLR non-polymer CHOLESTEROL 'C27 H46 O'
NA non-polymer 'SODIUM ION' 'Na 1'
XKC non-polymer '(2R)-2-hydroxy-2-[2-(2-methoxy-5-methylpyridin-3-yl)ethyl]butanedioic acid' 'C13 H17 N O6'
#
# COMPACT_ATOMS: atom_id res chain seq x y z
N MET A 1 -37.00 8.18 -34.33
CA MET A 1 -36.35 9.27 -33.59
C MET A 1 -35.81 8.77 -32.25
N ALA A 2 -36.56 7.88 -31.60
CA ALA A 2 -36.12 7.30 -30.34
C ALA A 2 -35.07 6.21 -30.52
N ALA A 3 -34.91 5.69 -31.73
CA ALA A 3 -33.88 4.67 -31.96
C ALA A 3 -32.48 5.23 -31.73
N LEU A 4 -32.25 6.47 -32.16
CA LEU A 4 -30.95 7.10 -31.91
C LEU A 4 -30.68 7.25 -30.43
N ALA A 5 -31.69 7.68 -29.66
CA ALA A 5 -31.52 7.81 -28.22
C ALA A 5 -31.27 6.46 -27.56
N ALA A 6 -31.99 5.42 -28.00
CA ALA A 6 -31.77 4.09 -27.45
C ALA A 6 -30.35 3.59 -27.75
N ALA A 7 -29.88 3.80 -28.98
CA ALA A 7 -28.53 3.40 -29.33
C ALA A 7 -27.49 4.17 -28.52
N ALA A 8 -27.72 5.48 -28.33
CA ALA A 8 -26.78 6.27 -27.53
C ALA A 8 -26.74 5.78 -26.09
N LYS A 9 -27.90 5.46 -25.52
CA LYS A 9 -27.92 4.93 -24.15
C LYS A 9 -27.23 3.58 -24.08
N LYS A 10 -27.43 2.72 -25.08
CA LYS A 10 -26.77 1.42 -25.08
C LYS A 10 -25.25 1.57 -25.17
N VAL A 11 -24.77 2.50 -26.00
CA VAL A 11 -23.33 2.75 -26.08
C VAL A 11 -22.82 3.31 -24.77
N TRP A 12 -23.57 4.23 -24.15
CA TRP A 12 -23.14 4.83 -22.89
C TRP A 12 -23.07 3.79 -21.77
N SER A 13 -23.94 2.78 -21.80
CA SER A 13 -23.92 1.76 -20.76
C SER A 13 -22.61 0.99 -20.77
N ALA A 14 -22.10 0.67 -21.96
CA ALA A 14 -20.85 -0.07 -22.11
C ALA A 14 -19.69 0.84 -22.49
N ARG A 15 -19.69 2.08 -22.00
CA ARG A 15 -18.67 3.04 -22.42
C ARG A 15 -17.28 2.65 -21.93
N ARG A 16 -17.18 2.06 -20.73
CA ARG A 16 -15.88 1.74 -20.18
C ARG A 16 -15.18 0.65 -21.00
N LEU A 17 -15.89 -0.45 -21.29
CA LEU A 17 -15.30 -1.50 -22.08
C LEU A 17 -15.00 -1.03 -23.50
N LEU A 18 -15.89 -0.22 -24.07
CA LEU A 18 -15.67 0.29 -25.42
C LEU A 18 -14.41 1.15 -25.49
N VAL A 19 -14.27 2.07 -24.53
CA VAL A 19 -13.07 2.90 -24.49
C VAL A 19 -11.83 2.06 -24.28
N LEU A 20 -11.90 1.09 -23.37
CA LEU A 20 -10.74 0.26 -23.06
C LEU A 20 -10.30 -0.54 -24.28
N LEU A 21 -11.25 -1.03 -25.08
CA LEU A 21 -10.90 -1.88 -26.19
C LEU A 21 -10.51 -1.07 -27.44
N PHE A 22 -11.05 0.14 -27.61
CA PHE A 22 -10.81 0.91 -28.82
C PHE A 22 -9.76 1.99 -28.66
N THR A 23 -9.28 2.27 -27.44
CA THR A 23 -8.20 3.25 -27.29
C THR A 23 -6.87 2.74 -27.83
N PRO A 24 -6.43 1.51 -27.56
CA PRO A 24 -5.19 1.04 -28.19
C PRO A 24 -5.24 1.05 -29.70
N LEU A 25 -6.39 0.68 -30.28
CA LEU A 25 -6.53 0.73 -31.74
C LEU A 25 -6.41 2.16 -32.25
N ALA A 26 -7.02 3.12 -31.55
CA ALA A 26 -6.94 4.51 -31.98
C ALA A 26 -5.53 5.05 -31.86
N LEU A 27 -4.80 4.66 -30.81
CA LEU A 27 -3.46 5.18 -30.56
C LEU A 27 -2.38 4.38 -31.28
N LEU A 28 -2.74 3.29 -31.95
CA LEU A 28 -1.77 2.49 -32.69
C LEU A 28 -0.92 3.29 -33.69
N PRO A 29 -1.46 4.25 -34.46
CA PRO A 29 -0.60 4.98 -35.40
C PRO A 29 0.52 5.77 -34.74
N VAL A 30 0.42 6.07 -33.45
CA VAL A 30 1.47 6.80 -32.76
C VAL A 30 2.77 6.00 -32.76
N VAL A 31 2.67 4.68 -32.61
CA VAL A 31 3.86 3.83 -32.58
C VAL A 31 4.61 3.91 -33.89
N PHE A 32 3.89 3.86 -35.02
CA PHE A 32 4.53 3.92 -36.33
C PHE A 32 5.01 5.33 -36.68
N ALA A 33 4.28 6.36 -36.26
CA ALA A 33 4.62 7.72 -36.64
C ALA A 33 5.97 8.14 -36.04
N LEU A 34 6.23 7.78 -34.80
CA LEU A 34 7.40 8.20 -34.06
C LEU A 34 8.48 7.13 -34.12
N PRO A 35 9.71 7.47 -33.71
CA PRO A 35 10.74 6.44 -33.56
C PRO A 35 10.29 5.41 -32.55
N PRO A 36 10.80 4.17 -32.67
CA PRO A 36 10.21 3.05 -31.92
C PRO A 36 10.11 3.25 -30.41
N LYS A 37 11.21 3.55 -29.73
CA LYS A 37 11.18 3.68 -28.28
C LYS A 37 10.32 4.86 -27.85
N GLU A 38 10.54 6.03 -28.47
CA GLU A 38 9.74 7.21 -28.16
C GLU A 38 8.28 6.99 -28.53
N GLY A 39 8.02 6.34 -29.67
CA GLY A 39 6.65 6.08 -30.07
C GLY A 39 5.92 5.18 -29.09
N ARG A 40 6.58 4.11 -28.64
CA ARG A 40 5.95 3.22 -27.67
C ARG A 40 5.72 3.92 -26.34
N CYS A 41 6.68 4.74 -25.89
CA CYS A 41 6.48 5.48 -24.65
C CYS A 41 5.31 6.45 -24.77
N LEU A 42 5.21 7.15 -25.89
CA LEU A 42 4.09 8.06 -26.10
C LEU A 42 2.77 7.31 -26.16
N PHE A 43 2.77 6.13 -26.79
CA PHE A 43 1.57 5.30 -26.83
C PHE A 43 1.13 4.94 -25.41
N VAL A 44 2.07 4.52 -24.57
CA VAL A 44 1.74 4.16 -23.20
C VAL A 44 1.19 5.36 -22.44
N ILE A 45 1.84 6.52 -22.59
CA ILE A 45 1.41 7.72 -21.87
C ILE A 45 0.02 8.14 -22.30
N LEU A 46 -0.25 8.14 -23.62
CA LEU A 46 -1.56 8.53 -24.11
C LEU A 46 -2.64 7.54 -23.69
N LEU A 47 -2.32 6.24 -23.70
CA LEU A 47 -3.27 5.24 -23.23
C LEU A 47 -3.62 5.46 -21.76
N MET A 48 -2.60 5.73 -20.93
CA MET A 48 -2.86 6.01 -19.52
C MET A 48 -3.69 7.26 -19.34
N ALA A 49 -3.40 8.30 -20.14
CA ALA A 49 -4.17 9.54 -20.05
C ALA A 49 -5.64 9.31 -20.39
N VAL A 50 -5.91 8.58 -21.47
CA VAL A 50 -7.29 8.32 -21.87
C VAL A 50 -7.99 7.48 -20.82
N TYR A 51 -7.32 6.44 -20.31
CA TYR A 51 -7.93 5.59 -19.31
C TYR A 51 -8.22 6.37 -18.03
N TRP A 52 -7.33 7.28 -17.64
CA TRP A 52 -7.56 8.09 -16.46
C TRP A 52 -8.73 9.05 -16.65
N CYS A 53 -8.81 9.69 -17.82
CA CYS A 53 -9.85 10.67 -18.04
C CYS A 53 -11.22 10.04 -18.23
N THR A 54 -11.28 8.86 -18.85
CA THR A 54 -12.56 8.20 -19.13
C THR A 54 -13.00 7.25 -18.02
N GLU A 55 -12.16 7.01 -17.02
CA GLU A 55 -12.45 6.04 -15.95
C GLU A 55 -12.72 4.65 -16.51
N ALA A 56 -12.04 4.29 -17.62
CA ALA A 56 -12.19 2.95 -18.17
C ALA A 56 -11.69 1.89 -17.20
N LEU A 57 -10.69 2.23 -16.40
CA LEU A 57 -10.17 1.40 -15.33
C LEU A 57 -10.12 2.23 -14.07
N PRO A 58 -10.06 1.59 -12.90
CA PRO A 58 -9.78 2.34 -11.68
C PRO A 58 -8.44 3.06 -11.80
N LEU A 59 -8.37 4.25 -11.20
CA LEU A 59 -7.19 5.10 -11.37
C LEU A 59 -5.93 4.40 -10.89
N SER A 60 -6.00 3.70 -9.76
CA SER A 60 -4.84 2.95 -9.29
C SER A 60 -4.49 1.82 -10.25
N VAL A 61 -5.49 1.16 -10.81
CA VAL A 61 -5.24 0.08 -11.77
C VAL A 61 -4.58 0.65 -13.03
N THR A 62 -5.06 1.79 -13.52
CA THR A 62 -4.41 2.43 -14.66
C THR A 62 -2.98 2.85 -14.31
N ALA A 63 -2.74 3.24 -13.06
CA ALA A 63 -1.39 3.60 -12.64
C ALA A 63 -0.42 2.41 -12.68
N LEU A 64 -0.94 1.18 -12.69
CA LEU A 64 -0.10 0.00 -12.79
C LEU A 64 0.27 -0.35 -14.22
N LEU A 65 -0.26 0.38 -15.20
CA LEU A 65 0.04 0.09 -16.60
C LEU A 65 1.52 0.16 -16.95
N PRO A 66 2.32 1.11 -16.45
CA PRO A 66 3.76 1.10 -16.83
C PRO A 66 4.45 -0.20 -16.51
N ILE A 67 4.08 -0.85 -15.39
CA ILE A 67 4.68 -2.10 -14.97
C ILE A 67 4.60 -3.15 -16.06
N VAL A 68 3.48 -3.20 -16.77
CA VAL A 68 3.31 -4.14 -17.86
C VAL A 68 3.91 -3.60 -19.15
N LEU A 69 3.59 -2.36 -19.49
CA LEU A 69 3.86 -1.85 -20.83
C LEU A 69 5.34 -1.54 -21.04
N PHE A 70 6.00 -0.89 -20.08
CA PHE A 70 7.40 -0.51 -20.27
C PHE A 70 8.31 -1.71 -20.47
N PRO A 71 8.26 -2.77 -19.67
CA PRO A 71 9.12 -3.93 -19.97
C PRO A 71 8.73 -4.66 -21.24
N PHE A 72 7.43 -4.79 -21.52
CA PHE A 72 7.01 -5.49 -22.73
C PHE A 72 7.43 -4.76 -23.98
N MET A 73 7.42 -3.42 -23.94
CA MET A 73 7.79 -2.61 -25.09
C MET A 73 9.27 -2.22 -25.09
N GLY A 74 10.04 -2.69 -24.11
CA GLY A 74 11.46 -2.39 -24.07
C GLY A 74 11.80 -1.00 -23.62
N ILE A 75 10.83 -0.23 -23.11
CA ILE A 75 11.12 1.12 -22.64
C ILE A 75 11.95 1.08 -21.37
N LEU A 76 11.59 0.22 -20.43
CA LEU A 76 12.24 0.18 -19.13
C LEU A 76 12.03 -1.17 -18.47
N PRO A 77 13.09 -1.80 -17.94
CA PRO A 77 12.92 -3.11 -17.30
C PRO A 77 12.14 -3.00 -15.99
N SER A 78 11.57 -4.13 -15.58
CA SER A 78 10.70 -4.16 -14.42
C SER A 78 11.43 -3.72 -13.15
N ASN A 79 12.69 -4.13 -13.00
CA ASN A 79 13.46 -3.76 -11.82
C ASN A 79 13.77 -2.27 -11.75
N LYS A 80 13.52 -1.52 -12.83
CA LYS A 80 13.62 -0.07 -12.82
C LYS A 80 12.27 0.62 -12.69
N VAL A 81 11.23 0.06 -13.33
CA VAL A 81 9.91 0.68 -13.25
C VAL A 81 9.33 0.53 -11.85
N CYS A 82 9.44 -0.67 -11.27
CA CYS A 82 8.78 -0.96 -10.01
C CYS A 82 9.25 -0.08 -8.85
N PRO A 83 10.57 0.08 -8.55
CA PRO A 83 11.00 0.94 -7.45
C PRO A 83 10.54 2.41 -7.55
N GLN A 84 10.22 2.92 -8.71
CA GLN A 84 9.65 4.27 -8.87
C GLN A 84 8.34 4.44 -8.10
N TYR A 85 7.66 3.39 -7.73
CA TYR A 85 6.35 3.48 -7.09
C TYR A 85 6.46 3.76 -5.58
N PHE A 86 7.65 3.66 -5.04
CA PHE A 86 7.89 4.01 -3.64
C PHE A 86 9.10 4.91 -3.48
N LEU A 87 9.27 5.88 -4.34
CA LEU A 87 10.19 7.03 -4.09
C LEU A 87 9.80 7.67 -2.77
N ASP A 88 10.68 8.37 -2.01
CA ASP A 88 10.55 9.01 -0.71
C ASP A 88 9.42 10.02 -0.69
N THR A 89 9.13 10.66 -1.83
CA THR A 89 7.97 11.53 -1.90
C THR A 89 6.69 10.78 -1.56
N ASN A 90 6.61 9.51 -1.99
CA ASN A 90 5.42 8.72 -1.70
C ASN A 90 5.36 8.33 -0.22
N PHE A 91 6.52 8.16 0.43
CA PHE A 91 6.50 8.01 1.89
C PHE A 91 6.07 9.28 2.59
N LEU A 92 6.46 10.45 2.09
CA LEU A 92 5.97 11.68 2.68
C LEU A 92 4.45 11.75 2.56
N PHE A 93 3.91 11.34 1.41
CA PHE A 93 2.47 11.22 1.26
C PHE A 93 1.87 10.26 2.28
N LEU A 94 2.50 9.09 2.46
CA LEU A 94 1.98 8.09 3.37
C LEU A 94 1.98 8.60 4.82
N SER A 95 3.04 9.29 5.22
CA SER A 95 3.09 9.85 6.56
C SER A 95 2.02 10.92 6.76
N GLY A 96 1.81 11.77 5.74
CA GLY A 96 0.72 12.73 5.82
C GLY A 96 -0.63 12.05 5.95
N LEU A 97 -0.84 10.98 5.20
CA LEU A 97 -2.10 10.24 5.28
C LEU A 97 -2.29 9.62 6.65
N ILE A 98 -1.22 9.05 7.21
CA ILE A 98 -1.31 8.43 8.54
C ILE A 98 -1.65 9.48 9.58
N MET A 99 -1.05 10.67 9.48
CA MET A 99 -1.36 11.69 10.48
C MET A 99 -2.76 12.25 10.28
N ALA A 100 -3.22 12.36 9.04
CA ALA A 100 -4.61 12.73 8.81
C ALA A 100 -5.56 11.70 9.42
N SER A 101 -5.23 10.41 9.28
CA SER A 101 -6.03 9.36 9.89
C SER A 101 -6.03 9.47 11.41
N ALA A 102 -4.88 9.77 12.01
CA ALA A 102 -4.80 9.94 13.45
C ALA A 102 -5.62 11.14 13.91
N ILE A 103 -5.57 12.24 13.17
CA ILE A 103 -6.34 13.42 13.52
C ILE A 103 -7.84 13.14 13.43
N GLU A 104 -8.27 12.46 12.36
CA GLU A 104 -9.69 12.18 12.19
C GLU A 104 -10.19 11.13 13.17
N GLU A 105 -9.33 10.20 13.59
CA GLU A 105 -9.74 9.15 14.51
C GLU A 105 -10.15 9.73 15.86
N TRP A 106 -9.40 10.70 16.35
CA TRP A 106 -9.66 11.30 17.66
C TRP A 106 -10.54 12.53 17.58
N ASN A 107 -11.13 12.79 16.41
CA ASN A 107 -12.14 13.84 16.25
C ASN A 107 -11.57 15.22 16.53
N LEU A 108 -10.27 15.38 16.35
CA LEU A 108 -9.62 16.67 16.59
C LEU A 108 -9.98 17.69 15.53
N HIS A 109 -10.16 17.24 14.29
CA HIS A 109 -10.51 18.16 13.20
C HIS A 109 -11.86 18.83 13.46
N ARG A 110 -12.84 18.07 13.95
CA ARG A 110 -14.14 18.65 14.26
C ARG A 110 -14.03 19.65 15.41
N ARG A 111 -13.20 19.35 16.41
CA ARG A 111 -13.01 20.28 17.52
C ARG A 111 -12.41 21.60 17.03
N ILE A 112 -11.37 21.51 16.20
CA ILE A 112 -10.76 22.71 15.64
C ILE A 112 -11.76 23.48 14.79
N ALA A 113 -12.53 22.77 13.98
CA ALA A 113 -13.51 23.41 13.11
C ALA A 113 -14.55 24.17 13.91
N LEU A 114 -15.10 23.54 14.95
CA LEU A 114 -16.14 24.19 15.74
C LEU A 114 -15.59 25.36 16.54
N LYS A 115 -14.35 25.23 17.03
CA LYS A 115 -13.72 26.36 17.72
C LYS A 115 -13.56 27.55 16.78
N ILE A 116 -13.05 27.31 15.56
CA ILE A 116 -12.88 28.40 14.61
C ILE A 116 -14.24 28.99 14.25
N LEU A 117 -15.27 28.15 14.15
CA LEU A 117 -16.60 28.64 13.81
C LEU A 117 -17.17 29.52 14.93
N MET A 118 -16.86 29.19 16.19
CA MET A 118 -17.21 30.10 17.27
C MET A 118 -16.50 31.43 17.14
N LEU A 119 -15.18 31.40 16.93
CA LEU A 119 -14.42 32.64 16.94
C LEU A 119 -14.75 33.55 15.75
N VAL A 120 -15.08 32.97 14.59
CA VAL A 120 -15.30 33.83 13.42
C VAL A 120 -16.59 34.63 13.56
N GLY A 121 -17.67 34.01 14.02
CA GLY A 121 -18.93 34.70 14.21
C GLY A 121 -20.06 33.97 13.53
N VAL A 122 -21.18 34.68 13.37
CA VAL A 122 -22.39 34.12 12.79
C VAL A 122 -22.96 34.95 11.64
N GLN A 123 -22.61 36.23 11.53
CA GLN A 123 -23.13 37.07 10.47
C GLN A 123 -22.78 36.46 9.11
N PRO A 124 -23.65 36.61 8.09
CA PRO A 124 -23.54 35.73 6.92
C PRO A 124 -22.23 35.90 6.15
N ALA A 125 -21.74 37.12 5.98
CA ALA A 125 -20.42 37.30 5.37
C ALA A 125 -19.34 36.70 6.28
N ARG A 126 -19.41 37.01 7.58
CA ARG A 126 -18.46 36.46 8.53
C ARG A 126 -18.58 34.95 8.63
N LEU A 127 -19.81 34.42 8.56
CA LEU A 127 -19.99 32.98 8.67
C LEU A 127 -19.46 32.26 7.43
N ILE A 128 -19.69 32.83 6.24
CA ILE A 128 -19.11 32.26 5.03
C ILE A 128 -17.60 32.30 5.10
N LEU A 129 -17.04 33.42 5.55
CA LEU A 129 -15.58 33.52 5.69
C LEU A 129 -15.05 32.49 6.67
N GLY A 130 -15.76 32.28 7.79
CA GLY A 130 -15.32 31.29 8.75
C GLY A 130 -15.36 29.88 8.19
N MET A 131 -16.44 29.55 7.48
CA MET A 131 -16.52 28.23 6.84
C MET A 131 -15.36 28.02 5.87
N MET A 132 -15.11 29.02 5.01
CA MET A 132 -14.04 28.88 4.03
C MET A 132 -12.68 28.79 4.69
N VAL A 133 -12.43 29.62 5.71
CA VAL A 133 -11.15 29.60 6.41
C VAL A 133 -10.94 28.25 7.09
N THR A 134 -11.97 27.73 7.76
CA THR A 134 -11.86 26.46 8.43
C THR A 134 -11.57 25.33 7.45
N THR A 135 -12.33 25.28 6.35
CA THR A 135 -12.14 24.21 5.38
C THR A 135 -10.77 24.30 4.72
N SER A 136 -10.33 25.51 4.38
CA SER A 136 -9.02 25.68 3.75
C SER A 136 -7.89 25.27 4.69
N PHE A 137 -7.97 25.66 5.96
CA PHE A 137 -6.92 25.29 6.91
C PHE A 137 -6.93 23.80 7.21
N LEU A 138 -8.11 23.18 7.26
CA LEU A 138 -8.15 21.73 7.49
C LEU A 138 -7.69 20.96 6.26
N SER A 139 -7.83 21.53 5.07
CA SER A 139 -7.41 20.86 3.85
C SER A 139 -5.90 20.87 3.63
N MET A 140 -5.15 21.63 4.44
CA MET A 140 -3.69 21.53 4.37
C MET A 140 -3.20 20.15 4.80
N TRP A 141 -3.89 19.52 5.74
CA TRP A 141 -3.44 18.28 6.34
C TRP A 141 -4.37 17.11 6.10
N LEU A 142 -5.66 17.34 5.95
CA LEU A 142 -6.61 16.32 5.54
C LEU A 142 -6.87 16.44 4.05
N SER A 143 -7.45 15.38 3.49
CA SER A 143 -7.84 15.41 2.08
C SER A 143 -8.96 16.42 1.87
N ASN A 144 -9.02 16.97 0.66
CA ASN A 144 -10.13 17.87 0.32
C ASN A 144 -11.46 17.16 0.45
N THR A 145 -11.51 15.89 0.04
CA THR A 145 -12.73 15.10 0.17
C THR A 145 -13.16 14.98 1.62
N ALA A 146 -12.23 14.61 2.50
CA ALA A 146 -12.56 14.45 3.91
C ALA A 146 -12.95 15.79 4.54
N SER A 147 -12.24 16.86 4.21
CA SER A 147 -12.58 18.17 4.75
C SER A 147 -13.97 18.60 4.35
N THR A 148 -14.31 18.44 3.07
CA THR A 148 -15.65 18.80 2.60
C THR A 148 -16.71 17.91 3.24
N ALA A 149 -16.47 16.61 3.31
CA ALA A 149 -17.44 15.69 3.88
C ALA A 149 -17.67 15.95 5.36
N MET A 150 -16.65 16.46 6.06
CA MET A 150 -16.82 16.77 7.48
C MET A 150 -17.47 18.13 7.69
N MET A 151 -17.17 19.10 6.81
CA MET A 151 -17.68 20.45 7.02
C MET A 151 -19.11 20.63 6.51
N LEU A 152 -19.53 19.81 5.54
CA LEU A 152 -20.87 19.98 4.98
C LEU A 152 -21.99 19.75 6.01
N PRO A 153 -21.97 18.69 6.82
CA PRO A 153 -23.05 18.55 7.82
C PRO A 153 -23.12 19.70 8.81
N ILE A 154 -21.98 20.27 9.19
CA ILE A 154 -22.01 21.43 10.09
C ILE A 154 -22.71 22.60 9.41
N ALA A 155 -22.41 22.84 8.13
CA ALA A 155 -23.08 23.89 7.39
C ALA A 155 -24.58 23.63 7.29
N ASN A 156 -24.96 22.38 7.05
CA ASN A 156 -26.38 22.04 6.98
C ASN A 156 -27.08 22.32 8.30
N ALA A 157 -26.46 21.93 9.42
CA ALA A 157 -27.05 22.17 10.72
C ALA A 157 -27.17 23.66 11.02
N ILE A 158 -26.13 24.44 10.70
CA ILE A 158 -26.17 25.87 10.95
C ILE A 158 -27.24 26.53 10.09
N LEU A 159 -27.34 26.14 8.83
CA LEU A 159 -28.34 26.73 7.94
C LEU A 159 -29.75 26.36 8.37
N LYS A 160 -29.96 25.12 8.82
CA LYS A 160 -31.26 24.73 9.33
C LYS A 160 -31.62 25.53 10.58
N SER A 161 -30.66 25.75 11.47
CA SER A 161 -30.90 26.55 12.66
C SER A 161 -31.23 28.00 12.30
N LEU A 162 -30.52 28.56 11.32
CA LEU A 162 -30.72 29.95 10.94
C LEU A 162 -32.11 30.17 10.36
N PHE A 163 -32.58 29.25 9.52
CA PHE A 163 -33.86 29.37 8.84
C PHE A 163 -34.87 28.35 9.36
N GLY A 164 -34.86 28.12 10.66
CA GLY A 164 -35.79 27.18 11.27
C GLY A 164 -36.79 27.85 12.19
N ASP A 219 -41.89 38.99 2.83
CA ASP A 219 -41.50 37.58 2.86
C ASP A 219 -41.80 36.98 1.48
N SER A 220 -42.23 35.73 1.44
CA SER A 220 -42.61 35.02 0.21
C SER A 220 -41.42 35.01 -0.75
N ARG A 221 -41.52 35.63 -1.93
CA ARG A 221 -40.49 35.46 -2.95
C ARG A 221 -39.15 36.00 -2.50
N LYS A 222 -39.13 37.19 -1.90
CA LYS A 222 -37.86 37.82 -1.54
C LYS A 222 -37.09 36.98 -0.52
N GLU A 223 -37.76 36.59 0.57
CA GLU A 223 -37.10 35.80 1.59
C GLU A 223 -36.73 34.41 1.08
N ASP A 224 -37.59 33.81 0.25
CA ASP A 224 -37.25 32.51 -0.31
C ASP A 224 -36.02 32.58 -1.19
N GLU A 225 -35.92 33.60 -2.04
CA GLU A 225 -34.73 33.78 -2.86
C GLU A 225 -33.50 34.01 -2.01
N TYR A 226 -33.62 34.83 -0.96
CA TYR A 226 -32.48 35.10 -0.11
C TYR A 226 -32.00 33.83 0.58
N ARG A 227 -32.92 33.02 1.09
CA ARG A 227 -32.54 31.78 1.74
C ARG A 227 -31.92 30.78 0.77
N ARG A 228 -32.49 30.68 -0.43
CA ARG A 228 -31.91 29.78 -1.43
C ARG A 228 -30.49 30.21 -1.80
N ASN A 229 -30.29 31.52 -1.99
CA ASN A 229 -28.96 32.01 -2.33
C ASN A 229 -27.97 31.78 -1.18
N ILE A 230 -28.41 31.97 0.06
CA ILE A 230 -27.53 31.74 1.21
C ILE A 230 -27.14 30.27 1.27
N TRP A 231 -28.11 29.37 1.07
CA TRP A 231 -27.83 27.94 1.06
C TRP A 231 -26.82 27.59 -0.03
N LYS A 232 -27.02 28.13 -1.23
CA LYS A 232 -26.10 27.85 -2.34
C LYS A 232 -24.70 28.37 -2.05
N GLY A 233 -24.60 29.58 -1.48
CA GLY A 233 -23.30 30.12 -1.16
C GLY A 233 -22.57 29.29 -0.13
N PHE A 234 -23.28 28.88 0.93
CA PHE A 234 -22.66 28.03 1.94
C PHE A 234 -22.20 26.71 1.36
N LEU A 235 -23.03 26.07 0.55
CA LEU A 235 -22.69 24.75 0.03
C LEU A 235 -21.65 24.81 -1.08
N ILE A 236 -21.46 25.96 -1.73
CA ILE A 236 -20.42 26.09 -2.74
C ILE A 236 -19.11 26.61 -2.17
N SER A 237 -19.14 27.29 -1.02
CA SER A 237 -17.91 27.81 -0.45
C SER A 237 -17.03 26.74 0.17
N ILE A 238 -17.60 25.62 0.59
CA ILE A 238 -16.86 24.57 1.29
C ILE A 238 -15.93 23.82 0.34
N PRO A 239 -16.40 23.23 -0.77
CA PRO A 239 -15.47 22.51 -1.64
C PRO A 239 -14.46 23.43 -2.31
N TYR A 240 -14.85 24.66 -2.65
CA TYR A 240 -13.90 25.59 -3.23
C TYR A 240 -12.78 25.91 -2.25
N SER A 241 -13.13 26.15 -0.99
CA SER A 241 -12.12 26.42 0.02
C SER A 241 -11.26 25.19 0.28
N ALA A 242 -11.86 24.00 0.23
CA ALA A 242 -11.06 22.79 0.39
C ALA A 242 -10.03 22.64 -0.73
N SER A 243 -10.47 22.87 -1.97
CA SER A 243 -9.55 22.79 -3.10
C SER A 243 -8.45 23.85 -3.01
N ILE A 244 -8.81 25.06 -2.59
CA ILE A 244 -7.82 26.13 -2.46
C ILE A 244 -6.81 25.79 -1.37
N GLY A 245 -7.28 25.32 -0.21
CA GLY A 245 -6.40 25.01 0.89
C GLY A 245 -5.55 23.78 0.69
N GLY A 246 -5.99 22.86 -0.18
CA GLY A 246 -5.17 21.71 -0.48
C GLY A 246 -3.86 22.04 -1.18
N THR A 247 -3.78 23.21 -1.81
CA THR A 247 -2.60 23.62 -2.53
C THR A 247 -1.54 24.28 -1.64
N ALA A 248 -1.88 24.60 -0.39
CA ALA A 248 -0.94 25.33 0.46
C ALA A 248 0.22 24.46 0.91
N THR A 249 -0.01 23.17 1.13
CA THR A 249 1.01 22.27 1.64
C THR A 249 1.29 21.18 0.61
N LEU A 250 2.51 20.62 0.68
CA LEU A 250 2.89 19.55 -0.23
C LEU A 250 2.02 18.32 -0.02
N THR A 251 1.73 17.98 1.24
CA THR A 251 0.88 16.84 1.55
C THR A 251 -0.60 17.17 1.50
N GLY A 252 -0.96 18.42 1.24
CA GLY A 252 -2.37 18.80 1.19
C GLY A 252 -3.11 18.10 0.06
N THR A 253 -2.46 17.93 -1.08
CA THR A 253 -3.08 17.28 -2.22
C THR A 253 -2.03 16.49 -2.99
N ALA A 254 -2.50 15.47 -3.70
CA ALA A 254 -1.60 14.59 -4.44
C ALA A 254 -0.79 15.28 -5.54
N PRO A 255 -1.35 16.18 -6.37
CA PRO A 255 -0.55 16.78 -7.45
C PRO A 255 0.70 17.50 -6.96
N ASN A 256 0.66 18.09 -5.77
CA ASN A 256 1.85 18.74 -5.23
C ASN A 256 3.01 17.75 -5.12
N LEU A 257 2.71 16.52 -4.72
CA LEU A 257 3.75 15.50 -4.62
C LEU A 257 4.06 14.85 -5.97
N ILE A 258 3.09 14.87 -6.89
CA ILE A 258 3.39 14.52 -8.28
C ILE A 258 4.50 15.42 -8.82
N LEU A 259 4.43 16.72 -8.49
CA LEU A 259 5.47 17.63 -8.95
C LEU A 259 6.84 17.20 -8.46
N LEU A 260 6.97 16.89 -7.17
CA LEU A 260 8.26 16.49 -6.62
C LEU A 260 8.74 15.18 -7.22
N GLY A 261 7.85 14.19 -7.33
CA GLY A 261 8.25 12.91 -7.87
C GLY A 261 8.70 12.98 -9.31
N GLN A 262 8.00 13.76 -10.13
CA GLN A 262 8.40 13.90 -11.52
C GLN A 262 9.64 14.77 -11.67
N LEU A 263 9.83 15.73 -10.75
CA LEU A 263 11.07 16.49 -10.74
C LEU A 263 12.26 15.58 -10.46
N LYS A 264 12.11 14.62 -9.55
CA LYS A 264 13.19 13.70 -9.25
C LYS A 264 13.65 12.91 -10.46
N SER A 265 12.81 12.79 -11.49
CA SER A 265 13.16 12.10 -12.72
C SER A 265 13.63 13.04 -13.82
N PHE A 266 12.90 14.14 -14.05
CA PHE A 266 13.27 15.05 -15.12
C PHE A 266 14.50 15.86 -14.76
N PHE A 267 14.58 16.37 -13.53
CA PHE A 267 15.70 17.20 -13.08
C PHE A 267 16.17 16.67 -11.74
N PRO A 268 16.99 15.60 -11.74
CA PRO A 268 17.44 15.01 -10.47
C PRO A 268 18.21 15.97 -9.59
N GLN A 269 18.90 16.95 -10.17
CA GLN A 269 19.68 17.89 -9.38
C GLN A 269 18.84 19.00 -8.76
N CYS A 270 17.57 19.12 -9.13
CA CYS A 270 16.70 20.13 -8.55
C CYS A 270 16.26 19.68 -7.17
N ASP A 271 16.55 20.48 -6.15
CA ASP A 271 16.18 20.14 -4.78
C ASP A 271 15.68 21.35 -4.00
N VAL A 272 15.34 22.45 -4.67
CA VAL A 272 14.93 23.66 -3.97
C VAL A 272 13.47 23.60 -3.51
N VAL A 273 12.68 22.68 -4.04
CA VAL A 273 11.28 22.56 -3.66
C VAL A 273 11.17 21.50 -2.56
N ASN A 274 10.65 21.91 -1.41
CA ASN A 274 10.36 21.00 -0.31
C ASN A 274 9.15 21.54 0.44
N PHE A 275 8.90 21.01 1.64
CA PHE A 275 7.73 21.40 2.40
C PHE A 275 7.78 22.88 2.76
N GLY A 276 8.92 23.34 3.28
CA GLY A 276 9.01 24.72 3.73
C GLY A 276 8.92 25.73 2.59
N SER A 277 9.65 25.49 1.50
CA SER A 277 9.63 26.41 0.38
C SER A 277 8.27 26.42 -0.30
N TRP A 278 7.66 25.24 -0.49
CA TRP A 278 6.34 25.19 -1.07
C TRP A 278 5.33 25.90 -0.18
N PHE A 279 5.45 25.75 1.14
CA PHE A 279 4.53 26.43 2.03
C PHE A 279 4.69 27.94 1.94
N ILE A 280 5.93 28.44 2.03
CA ILE A 280 6.12 29.89 1.98
C ILE A 280 5.74 30.47 0.63
N PHE A 281 5.72 29.64 -0.42
CA PHE A 281 5.24 30.13 -1.70
C PHE A 281 3.71 30.12 -1.79
N ALA A 282 3.08 29.03 -1.35
CA ALA A 282 1.67 28.80 -1.65
C ALA A 282 0.72 29.32 -0.58
N PHE A 283 1.16 29.42 0.67
CA PHE A 283 0.27 29.90 1.73
C PHE A 283 -0.22 31.33 1.49
N PRO A 284 0.63 32.31 1.17
CA PRO A 284 0.09 33.64 0.82
C PRO A 284 -0.80 33.61 -0.42
N LEU A 285 -0.43 32.82 -1.42
CA LEU A 285 -1.29 32.67 -2.59
C LEU A 285 -2.62 32.03 -2.23
N MET A 286 -2.58 31.03 -1.34
CA MET A 286 -3.81 30.41 -0.88
C MET A 286 -4.69 31.42 -0.15
N LEU A 287 -4.08 32.26 0.69
CA LEU A 287 -4.85 33.25 1.43
C LEU A 287 -5.49 34.27 0.49
N LEU A 288 -4.73 34.75 -0.49
CA LEU A 288 -5.28 35.70 -1.45
C LEU A 288 -6.41 35.08 -2.25
N PHE A 289 -6.23 33.83 -2.71
CA PHE A 289 -7.28 33.18 -3.48
C PHE A 289 -8.52 32.90 -2.63
N LEU A 290 -8.32 32.54 -1.37
CA LEU A 290 -9.45 32.32 -0.46
C LEU A 290 -10.21 33.62 -0.22
N LEU A 291 -9.49 34.74 -0.03
CA LEU A 291 -10.16 36.01 0.16
C LEU A 291 -10.94 36.42 -1.09
N ALA A 292 -10.34 36.25 -2.27
CA ALA A 292 -11.03 36.58 -3.51
C ALA A 292 -12.27 35.71 -3.70
N GLY A 293 -12.14 34.42 -3.42
CA GLY A 293 -13.30 33.53 -3.54
C GLY A 293 -14.39 33.87 -2.55
N TRP A 294 -14.01 34.23 -1.32
CA TRP A 294 -15.01 34.63 -0.33
C TRP A 294 -15.75 35.88 -0.78
N LEU A 295 -15.02 36.87 -1.28
CA LEU A 295 -15.68 38.08 -1.77
C LEU A 295 -16.61 37.77 -2.94
N TRP A 296 -16.15 36.93 -3.87
CA TRP A 296 -16.95 36.58 -5.04
C TRP A 296 -18.22 35.83 -4.64
N ILE A 297 -18.11 34.87 -3.72
CA ILE A 297 -19.27 34.10 -3.30
C ILE A 297 -20.23 34.98 -2.50
N SER A 298 -19.71 35.85 -1.64
CA SER A 298 -20.57 36.75 -0.88
C SER A 298 -21.33 37.70 -1.80
N PHE A 299 -20.65 38.23 -2.82
CA PHE A 299 -21.34 39.09 -3.78
C PHE A 299 -22.38 38.30 -4.57
N LEU A 300 -22.05 37.07 -4.97
CA LEU A 300 -22.95 36.29 -5.80
C LEU A 300 -24.14 35.78 -5.00
N TYR A 301 -23.93 35.33 -3.77
CA TYR A 301 -24.97 34.68 -2.99
C TYR A 301 -25.27 35.36 -1.67
N GLY A 302 -24.26 35.84 -0.95
CA GLY A 302 -24.44 36.36 0.39
C GLY A 302 -24.91 37.79 0.47
N GLY A 303 -25.18 38.44 -0.66
CA GLY A 303 -25.64 39.83 -0.64
C GLY A 303 -24.61 40.80 -0.13
N LEU A 304 -23.35 40.66 -0.56
CA LEU A 304 -22.28 41.57 -0.14
C LEU A 304 -22.43 42.93 -0.81
N ASN A 319 -32.60 36.66 16.46
CA ASN A 319 -32.83 35.36 17.06
C ASN A 319 -32.16 34.25 16.26
N ALA A 320 -32.07 34.44 14.94
CA ALA A 320 -31.42 33.45 14.10
C ALA A 320 -29.94 33.32 14.43
N GLU A 321 -29.27 34.44 14.68
CA GLU A 321 -27.87 34.41 15.11
C GLU A 321 -27.74 33.68 16.45
N ASP A 322 -28.68 33.92 17.36
CA ASP A 322 -28.66 33.22 18.64
C ASP A 322 -28.82 31.72 18.44
N ARG A 323 -29.71 31.30 17.54
CA ARG A 323 -29.90 29.88 17.27
C ARG A 323 -28.66 29.25 16.65
N ALA A 324 -28.01 29.96 15.72
CA ALA A 324 -26.79 29.43 15.12
C ALA A 324 -25.67 29.29 16.15
N ARG A 325 -25.50 30.30 17.00
CA ARG A 325 -24.51 30.20 18.07
C ARG A 325 -24.85 29.04 19.00
N ALA A 326 -26.12 28.87 19.34
CA ALA A 326 -26.53 27.79 20.22
C ALA A 326 -26.23 26.43 19.61
N VAL A 327 -26.51 26.25 18.32
CA VAL A 327 -26.29 24.94 17.71
C VAL A 327 -24.80 24.64 17.58
N ILE A 328 -23.99 25.65 17.23
CA ILE A 328 -22.54 25.44 17.14
C ILE A 328 -21.98 25.07 18.52
N ARG A 329 -22.39 25.81 19.55
CA ARG A 329 -21.92 25.53 20.90
C ARG A 329 -22.38 24.16 21.39
N GLU A 330 -23.61 23.78 21.06
CA GLU A 330 -24.14 22.48 21.45
C GLU A 330 -23.34 21.36 20.80
N GLU A 331 -23.02 21.48 19.51
CA GLU A 331 -22.20 20.46 18.86
C GLU A 331 -20.81 20.40 19.49
N TYR A 332 -20.22 21.56 19.79
CA TYR A 332 -18.88 21.56 20.37
C TYR A 332 -18.86 20.89 21.74
N GLN A 333 -19.87 21.14 22.57
CA GLN A 333 -19.93 20.41 23.84
C GLN A 333 -20.34 18.95 23.65
N ASN A 334 -21.02 18.62 22.55
CA ASN A 334 -21.26 17.22 22.25
C ASN A 334 -19.98 16.50 21.86
N LEU A 335 -18.96 17.23 21.41
CA LEU A 335 -17.64 16.62 21.26
C LEU A 335 -17.13 16.06 22.59
N GLY A 336 -17.41 16.75 23.69
CA GLY A 336 -16.97 16.33 25.00
C GLY A 336 -15.75 17.09 25.47
N PRO A 337 -15.28 16.78 26.68
CA PRO A 337 -14.07 17.44 27.19
C PRO A 337 -12.84 16.99 26.40
N ILE A 338 -11.83 17.86 26.40
CA ILE A 338 -10.59 17.56 25.70
C ILE A 338 -9.92 16.36 26.33
N LYS A 339 -9.51 15.40 25.50
CA LYS A 339 -8.91 14.16 25.97
C LYS A 339 -7.39 14.21 25.86
N PHE A 340 -6.74 13.33 26.61
CA PHE A 340 -5.29 13.24 26.54
C PHE A 340 -4.84 12.81 25.14
N ALA A 341 -5.58 11.89 24.52
CA ALA A 341 -5.24 11.46 23.18
C ALA A 341 -5.31 12.60 22.18
N GLU A 342 -6.34 13.45 22.30
CA GLU A 342 -6.45 14.61 21.41
C GLU A 342 -5.28 15.56 21.58
N GLN A 343 -4.89 15.83 22.83
CA GLN A 343 -3.76 16.72 23.07
C GLN A 343 -2.46 16.13 22.53
N ALA A 344 -2.26 14.82 22.72
CA ALA A 344 -1.06 14.18 22.22
C ALA A 344 -1.02 14.22 20.70
N VAL A 345 -2.15 13.96 20.04
CA VAL A 345 -2.20 14.01 18.58
C VAL A 345 -1.94 15.42 18.09
N PHE A 346 -2.50 16.43 18.77
CA PHE A 346 -2.28 17.80 18.37
C PHE A 346 -0.82 18.21 18.51
N ILE A 347 -0.17 17.80 19.61
CA ILE A 347 1.23 18.13 19.80
C ILE A 347 2.10 17.42 18.77
N LEU A 348 1.77 16.17 18.46
CA LEU A 348 2.50 15.45 17.42
C LEU A 348 2.30 16.12 16.06
N PHE A 349 1.11 16.64 15.79
CA PHE A 349 0.86 17.32 14.53
C PHE A 349 1.65 18.64 14.45
N CYS A 350 1.71 19.37 15.56
CA CYS A 350 2.51 20.59 15.59
C CYS A 350 3.97 20.27 15.35
N MET A 351 4.49 19.20 15.99
CA MET A 351 5.86 18.79 15.73
C MET A 351 6.06 18.38 14.29
N PHE A 352 5.10 17.66 13.72
CA PHE A 352 5.15 17.25 12.32
C PHE A 352 5.30 18.46 11.41
N ALA A 353 4.40 19.44 11.57
CA ALA A 353 4.44 20.64 10.72
C ALA A 353 5.71 21.44 10.92
N ILE A 354 6.12 21.64 12.17
CA ILE A 354 7.29 22.48 12.46
C ILE A 354 8.56 21.83 11.91
N LEU A 355 8.73 20.53 12.15
CA LEU A 355 9.93 19.85 11.68
C LEU A 355 9.95 19.73 10.17
N LEU A 356 8.80 19.55 9.52
CA LEU A 356 8.77 19.59 8.07
C LEU A 356 9.14 20.97 7.54
N PHE A 357 8.66 22.02 8.20
N PHE A 357 8.66 22.02 8.20
CA PHE A 357 8.91 23.38 7.72
CA PHE A 357 8.91 23.38 7.72
C PHE A 357 10.36 23.79 7.97
C PHE A 357 10.36 23.79 7.97
N THR A 358 10.92 23.42 9.13
CA THR A 358 12.23 23.90 9.54
C THR A 358 13.37 22.98 9.13
N ARG A 359 13.11 21.91 8.39
CA ARG A 359 14.20 21.02 7.99
C ARG A 359 15.18 21.72 7.08
N ASP A 360 14.69 22.40 6.05
CA ASP A 360 15.53 23.14 5.12
C ASP A 360 14.69 24.17 4.38
N PRO A 361 14.35 25.30 5.02
CA PRO A 361 13.45 26.27 4.38
C PRO A 361 14.10 27.10 3.28
N LYS A 362 15.38 26.86 2.98
CA LYS A 362 16.16 27.48 1.91
C LYS A 362 16.54 28.93 2.21
N PHE A 363 16.07 29.52 3.30
CA PHE A 363 16.54 30.84 3.70
C PHE A 363 16.80 30.95 5.20
N ILE A 364 16.67 29.86 5.95
CA ILE A 364 17.26 29.73 7.29
C ILE A 364 18.00 28.41 7.30
N PRO A 365 19.20 28.32 7.87
CA PRO A 365 19.84 27.00 8.00
C PRO A 365 19.05 26.08 8.91
N GLY A 366 18.47 25.03 8.32
CA GLY A 366 17.62 24.11 9.05
C GLY A 366 18.42 23.10 9.84
N TRP A 367 17.69 22.24 10.57
CA TRP A 367 18.34 21.22 11.38
C TRP A 367 18.93 20.10 10.55
N ALA A 368 18.58 20.01 9.26
CA ALA A 368 19.20 19.02 8.39
C ALA A 368 20.67 19.31 8.15
N SER A 369 21.11 20.55 8.39
CA SER A 369 22.52 20.90 8.24
C SER A 369 23.39 20.24 9.30
N LEU A 370 22.79 19.76 10.40
CA LEU A 370 23.54 19.10 11.45
C LEU A 370 23.85 17.63 11.14
N PHE A 371 23.34 17.11 10.03
CA PHE A 371 23.51 15.70 9.66
C PHE A 371 24.27 15.61 8.34
N ASN A 372 24.36 14.40 7.82
CA ASN A 372 25.05 14.18 6.56
C ASN A 372 24.26 14.82 5.42
N PRO A 373 24.89 15.67 4.60
CA PRO A 373 24.16 16.27 3.48
C PRO A 373 23.69 15.23 2.49
N GLY A 374 22.50 15.46 1.93
CA GLY A 374 21.94 14.58 0.92
C GLY A 374 21.39 13.27 1.45
N PHE A 375 21.21 13.14 2.75
CA PHE A 375 20.69 11.92 3.36
C PHE A 375 19.28 12.09 3.91
N LEU A 376 19.04 13.14 4.67
CA LEU A 376 17.71 13.37 5.24
C LEU A 376 16.78 13.96 4.20
N SER A 377 15.48 13.85 4.47
CA SER A 377 14.47 14.37 3.55
C SER A 377 13.17 14.57 4.33
N ASP A 378 12.14 15.03 3.63
CA ASP A 378 10.83 15.19 4.25
C ASP A 378 10.22 13.85 4.63
N ALA A 379 10.50 12.81 3.84
CA ALA A 379 9.95 11.48 4.14
C ALA A 379 10.48 10.95 5.46
N VAL A 380 11.77 11.13 5.72
CA VAL A 380 12.35 10.63 6.97
C VAL A 380 11.68 11.31 8.16
N THR A 381 11.53 12.63 8.09
CA THR A 381 10.89 13.37 9.18
C THR A 381 9.45 12.91 9.38
N GLY A 382 8.70 12.78 8.28
CA GLY A 382 7.31 12.39 8.39
C GLY A 382 7.15 10.99 8.98
N VAL A 383 7.94 10.04 8.49
CA VAL A 383 7.86 8.66 8.98
C VAL A 383 8.25 8.60 10.45
N ALA A 384 9.32 9.32 10.83
CA ALA A 384 9.76 9.33 12.22
C ALA A 384 8.68 9.89 13.13
N ILE A 385 8.00 10.95 12.70
CA ILE A 385 6.99 11.56 13.55
C ILE A 385 5.75 10.65 13.64
N VAL A 386 5.31 10.09 12.52
CA VAL A 386 4.11 9.27 12.56
C VAL A 386 4.36 7.91 13.20
N THR A 387 5.62 7.51 13.36
CA THR A 387 5.90 6.28 14.10
C THR A 387 5.51 6.40 15.56
N ILE A 388 5.62 7.60 16.13
CA ILE A 388 5.27 7.81 17.53
C ILE A 388 3.79 7.53 17.78
N LEU A 389 2.94 7.75 16.77
CA LEU A 389 1.51 7.52 16.92
C LEU A 389 1.19 6.06 17.21
N PHE A 390 2.06 5.14 16.83
CA PHE A 390 1.77 3.72 16.93
C PHE A 390 2.23 3.09 18.25
N PHE A 391 2.88 3.86 19.12
CA PHE A 391 3.22 3.36 20.45
C PHE A 391 2.89 4.33 21.58
N PHE A 392 2.61 5.60 21.29
CA PHE A 392 2.29 6.53 22.35
C PHE A 392 0.92 6.20 22.94
N PRO A 393 0.80 6.11 24.28
CA PRO A 393 -0.49 5.76 24.88
C PRO A 393 -1.54 6.81 24.63
N SER A 394 -2.79 6.35 24.50
CA SER A 394 -3.93 7.25 24.33
C SER A 394 -4.54 7.69 25.66
N GLN A 395 -4.12 7.10 26.77
CA GLN A 395 -4.58 7.48 28.09
C GLN A 395 -3.46 8.14 28.87
N ARG A 396 -3.82 8.80 29.96
CA ARG A 396 -2.85 9.56 30.75
C ARG A 396 -1.89 8.62 31.46
N PRO A 397 -0.58 8.72 31.23
CA PRO A 397 0.37 7.96 32.06
C PRO A 397 0.31 8.45 33.50
N SER A 398 0.55 7.52 34.43
CA SER A 398 0.55 7.87 35.85
C SER A 398 1.52 6.97 36.58
N LEU A 399 2.41 7.56 37.36
CA LEU A 399 3.34 6.78 38.18
C LEU A 399 2.64 6.16 39.37
N LYS A 400 1.47 6.65 39.76
CA LYS A 400 0.72 6.06 40.86
C LYS A 400 0.26 4.64 40.54
N TRP A 401 0.09 4.33 39.25
CA TRP A 401 -0.33 2.98 38.86
C TRP A 401 0.74 1.95 39.18
N TRP A 402 2.02 2.32 39.05
CA TRP A 402 3.09 1.39 39.38
C TRP A 402 3.06 1.02 40.87
N PHE A 403 2.85 2.00 41.74
CA PHE A 403 2.84 1.73 43.17
C PHE A 403 1.57 0.99 43.59
N ASP A 404 0.44 1.34 43.00
CA ASP A 404 -0.85 0.74 43.37
C ASP A 404 -0.94 -0.64 42.72
N PHE A 405 -0.59 -1.68 43.48
CA PHE A 405 -0.60 -3.03 42.95
C PHE A 405 -2.02 -3.56 42.75
N LYS A 406 -3.02 -2.91 43.35
CA LYS A 406 -4.40 -3.36 43.22
C LYS A 406 -5.08 -2.83 41.96
N ALA A 407 -4.44 -1.94 41.23
CA ALA A 407 -5.04 -1.41 40.01
C ALA A 407 -5.04 -2.47 38.91
N PRO A 408 -6.02 -2.42 38.00
CA PRO A 408 -6.02 -3.35 36.88
C PRO A 408 -4.83 -3.13 35.96
N ASN A 409 -4.38 -4.21 35.34
CA ASN A 409 -3.20 -4.20 34.47
C ASN A 409 -3.59 -4.35 33.00
N THR A 410 -4.68 -3.71 32.59
CA THR A 410 -5.09 -3.75 31.20
C THR A 410 -4.06 -3.06 30.31
N GLU A 411 -3.81 -3.63 29.14
CA GLU A 411 -2.84 -3.06 28.22
C GLU A 411 -3.33 -1.74 27.65
N THR A 412 -2.43 -0.76 27.58
CA THR A 412 -2.79 0.55 27.08
C THR A 412 -3.01 0.53 25.57
N GLU A 413 -3.98 1.32 25.11
CA GLU A 413 -4.26 1.43 23.69
C GLU A 413 -3.47 2.58 23.09
N PRO A 414 -2.71 2.36 22.03
CA PRO A 414 -1.92 3.45 21.45
C PRO A 414 -2.80 4.51 20.82
N LEU A 415 -2.16 5.60 20.39
CA LEU A 415 -2.89 6.68 19.74
C LEU A 415 -3.54 6.22 18.45
N LEU A 416 -2.84 5.41 17.68
CA LEU A 416 -3.35 4.86 16.43
C LEU A 416 -2.87 3.44 16.26
N THR A 417 -3.81 2.50 16.12
CA THR A 417 -3.45 1.14 15.76
C THR A 417 -3.20 1.05 14.27
N TRP A 418 -2.44 0.03 13.87
CA TRP A 418 -2.17 -0.13 12.45
C TRP A 418 -3.41 -0.56 11.67
N LYS A 419 -4.35 -1.25 12.33
CA LYS A 419 -5.57 -1.65 11.65
C LYS A 419 -6.37 -0.44 11.20
N LYS A 420 -6.55 0.54 12.08
CA LYS A 420 -7.30 1.75 11.73
C LYS A 420 -6.59 2.53 10.64
N ALA A 421 -5.27 2.67 10.74
CA ALA A 421 -4.51 3.37 9.71
C ALA A 421 -4.67 2.67 8.37
N GLN A 422 -4.53 1.35 8.36
CA GLN A 422 -4.63 0.61 7.09
C GLN A 422 -6.01 0.75 6.48
N GLU A 423 -7.07 0.70 7.29
CA GLU A 423 -8.40 0.86 6.72
C GLU A 423 -8.73 2.31 6.40
N THR A 424 -7.90 3.28 6.83
CA THR A 424 -8.15 4.68 6.50
C THR A 424 -7.17 5.28 5.51
N VAL A 425 -6.01 4.67 5.29
CA VAL A 425 -5.06 5.20 4.30
C VAL A 425 -5.56 4.86 2.90
N PRO A 426 -5.67 5.84 2.00
CA PRO A 426 -6.05 5.55 0.62
C PRO A 426 -4.88 5.02 -0.21
N TRP A 427 -4.66 3.71 -0.18
CA TRP A 427 -3.56 3.11 -0.93
C TRP A 427 -3.69 3.30 -2.43
N ASN A 428 -4.92 3.54 -2.92
CA ASN A 428 -5.11 3.81 -4.34
C ASN A 428 -4.38 5.08 -4.77
N ILE A 429 -4.42 6.13 -3.93
CA ILE A 429 -3.73 7.37 -4.25
C ILE A 429 -2.22 7.16 -4.23
N ILE A 430 -1.73 6.32 -3.31
CA ILE A 430 -0.31 6.01 -3.27
C ILE A 430 0.11 5.32 -4.57
N LEU A 431 -0.68 4.35 -5.01
CA LEU A 431 -0.37 3.68 -6.27
C LEU A 431 -0.48 4.63 -7.46
N LEU A 432 -1.41 5.59 -7.41
CA LEU A 432 -1.54 6.56 -8.48
C LEU A 432 -0.33 7.47 -8.56
N LEU A 433 0.15 7.95 -7.41
CA LEU A 433 1.36 8.76 -7.39
C LEU A 433 2.54 7.95 -7.92
N GLY A 434 2.63 6.68 -7.54
CA GLY A 434 3.70 5.83 -8.04
C GLY A 434 3.63 5.63 -9.53
N GLY A 435 2.43 5.43 -10.06
CA GLY A 435 2.28 5.32 -11.50
C GLY A 435 2.71 6.59 -12.22
N GLY A 436 2.39 7.75 -11.65
CA GLY A 436 2.86 9.00 -12.22
C GLY A 436 4.37 9.09 -12.22
N PHE A 437 5.01 8.73 -11.10
CA PHE A 437 6.46 8.78 -11.02
C PHE A 437 7.11 7.83 -12.04
N ALA A 438 6.57 6.61 -12.14
CA ALA A 438 7.12 5.64 -13.08
C ALA A 438 6.91 6.08 -14.53
N MET A 439 5.77 6.70 -14.83
CA MET A 439 5.54 7.20 -16.17
C MET A 439 6.51 8.33 -16.50
N ALA A 440 6.80 9.20 -15.52
CA ALA A 440 7.81 10.24 -15.74
C ALA A 440 9.18 9.63 -16.00
N LYS A 441 9.55 8.60 -15.23
CA LYS A 441 10.83 7.95 -15.46
C LYS A 441 10.89 7.30 -16.85
N GLY A 442 9.81 6.65 -17.26
CA GLY A 442 9.77 6.05 -18.59
C GLY A 442 9.86 7.09 -19.69
N CYS A 443 9.21 8.23 -19.51
CA CYS A 443 9.30 9.31 -20.49
C CYS A 443 10.73 9.84 -20.58
N GLU A 444 11.40 9.97 -19.43
CA GLU A 444 12.77 10.48 -19.44
C GLU A 444 13.73 9.47 -20.07
N GLU A 445 13.59 8.18 -19.74
CA GLU A 445 14.55 7.18 -20.20
C GLU A 445 14.38 6.87 -21.68
N SER A 446 13.14 6.85 -22.16
CA SER A 446 12.89 6.48 -23.55
C SER A 446 13.33 7.55 -24.54
N GLY A 447 13.70 8.74 -24.08
CA GLY A 447 14.01 9.83 -24.97
C GLY A 447 12.79 10.56 -25.49
N LEU A 448 11.60 10.26 -24.98
CA LEU A 448 10.39 10.94 -25.43
C LEU A 448 10.40 12.42 -25.03
N SER A 449 11.07 12.76 -23.93
CA SER A 449 11.16 14.15 -23.53
C SER A 449 11.92 14.98 -24.57
N VAL A 450 13.00 14.42 -25.12
CA VAL A 450 13.75 15.12 -26.17
C VAL A 450 12.87 15.31 -27.41
N TRP A 451 12.09 14.29 -27.76
CA TRP A 451 11.21 14.40 -28.91
C TRP A 451 10.14 15.46 -28.68
N ILE A 452 9.58 15.52 -27.48
CA ILE A 452 8.58 16.55 -27.17
C ILE A 452 9.21 17.93 -27.23
N GLY A 453 10.42 18.08 -26.71
CA GLY A 453 11.12 19.35 -26.81
C GLY A 453 11.35 19.77 -28.25
N GLY A 454 11.69 18.80 -29.11
CA GLY A 454 11.86 19.11 -30.52
C GLY A 454 10.55 19.51 -31.19
N GLN A 455 9.45 18.85 -30.80
CA GLN A 455 8.14 19.20 -31.35
C GLN A 455 7.62 20.53 -30.82
N LEU A 456 8.25 21.17 -29.85
CA LEU A 456 7.70 22.41 -29.23
C LEU A 456 8.46 23.55 -29.87
N HIS A 457 9.02 23.23 -31.02
CA HIS A 457 9.74 24.27 -31.77
C HIS A 457 8.91 25.54 -31.96
N PRO A 458 7.67 25.50 -32.44
CA PRO A 458 6.97 26.76 -32.75
C PRO A 458 6.68 27.64 -31.55
N LEU A 459 6.67 27.10 -30.34
CA LEU A 459 6.30 27.86 -29.16
C LEU A 459 7.50 28.51 -28.47
N GLU A 460 8.69 28.41 -29.06
CA GLU A 460 9.88 28.96 -28.43
C GLU A 460 9.91 30.48 -28.38
N ASN A 461 9.05 31.16 -29.15
CA ASN A 461 9.04 32.61 -29.19
C ASN A 461 8.02 33.23 -28.24
N VAL A 462 7.24 32.42 -27.54
CA VAL A 462 6.23 32.95 -26.61
C VAL A 462 6.94 33.55 -25.40
N PRO A 463 6.56 34.74 -24.95
CA PRO A 463 7.14 35.31 -23.73
C PRO A 463 6.88 34.42 -22.53
N PRO A 464 7.83 34.31 -21.60
CA PRO A 464 7.66 33.38 -20.48
C PRO A 464 6.43 33.66 -19.62
N ALA A 465 6.12 34.93 -19.36
CA ALA A 465 4.93 35.25 -18.56
C ALA A 465 3.65 34.88 -19.30
N LEU A 466 3.59 35.18 -20.60
CA LEU A 466 2.44 34.77 -21.40
C LEU A 466 2.35 33.25 -21.47
N ALA A 467 3.49 32.56 -21.54
CA ALA A 467 3.48 31.10 -21.53
C ALA A 467 2.92 30.57 -20.22
N VAL A 468 3.30 31.17 -19.09
CA VAL A 468 2.76 30.78 -17.80
C VAL A 468 1.26 30.97 -17.78
N LEU A 469 0.79 32.13 -18.26
CA LEU A 469 -0.63 32.41 -18.27
C LEU A 469 -1.39 31.39 -19.10
N LEU A 470 -0.88 31.09 -20.31
CA LEU A 470 -1.57 30.16 -21.19
C LEU A 470 -1.59 28.74 -20.64
N ILE A 471 -0.45 28.26 -20.10
CA ILE A 471 -0.44 26.90 -19.58
C ILE A 471 -1.34 26.80 -18.35
N THR A 472 -1.36 27.85 -17.52
CA THR A 472 -2.24 27.84 -16.36
C THR A 472 -3.70 27.81 -16.77
N VAL A 473 -4.08 28.60 -17.77
CA VAL A 473 -5.46 28.60 -18.24
C VAL A 473 -5.83 27.24 -18.80
N VAL A 474 -4.95 26.67 -19.64
CA VAL A 474 -5.23 25.38 -20.26
C VAL A 474 -5.39 24.30 -19.21
N ILE A 475 -4.50 24.26 -18.22
CA ILE A 475 -4.55 23.23 -17.20
C ILE A 475 -5.76 23.41 -16.29
N ALA A 476 -6.06 24.67 -15.93
CA ALA A 476 -7.19 24.94 -15.05
C ALA A 476 -8.52 24.60 -15.72
N PHE A 477 -8.60 24.71 -17.05
CA PHE A 477 -9.81 24.29 -17.74
C PHE A 477 -9.83 22.81 -18.05
N PHE A 478 -8.65 22.18 -18.23
CA PHE A 478 -8.60 20.74 -18.45
C PHE A 478 -8.99 19.98 -17.18
N THR A 479 -8.58 20.48 -16.02
CA THR A 479 -8.87 19.79 -14.76
C THR A 479 -10.35 19.82 -14.41
N GLU A 480 -11.16 20.64 -15.10
CA GLU A 480 -12.59 20.65 -14.83
C GLU A 480 -13.28 19.36 -15.26
N PHE A 481 -12.63 18.56 -16.11
CA PHE A 481 -13.23 17.33 -16.62
C PHE A 481 -12.53 16.07 -16.15
N ALA A 482 -11.27 16.15 -15.76
CA ALA A 482 -10.48 14.98 -15.38
C ALA A 482 -9.96 15.14 -13.96
N SER A 483 -9.32 14.08 -13.47
CA SER A 483 -8.72 14.10 -12.14
C SER A 483 -7.55 15.08 -12.11
N ASN A 484 -7.40 15.76 -10.96
CA ASN A 484 -6.29 16.68 -10.79
C ASN A 484 -4.95 15.96 -10.91
N THR A 485 -4.83 14.81 -10.24
CA THR A 485 -3.59 14.06 -10.27
C THR A 485 -3.26 13.58 -11.68
N ALA A 486 -4.25 13.04 -12.39
CA ALA A 486 -4.04 12.61 -13.76
C ALA A 486 -3.67 13.79 -14.65
N THR A 487 -4.34 14.92 -14.47
CA THR A 487 -4.06 16.10 -15.27
C THR A 487 -2.61 16.54 -15.10
N ILE A 488 -2.15 16.65 -13.85
CA ILE A 488 -0.78 17.11 -13.62
C ILE A 488 0.22 16.07 -14.10
N ILE A 489 -0.09 14.78 -13.92
CA ILE A 489 0.81 13.72 -14.40
C ILE A 489 1.01 13.82 -15.90
N ILE A 490 -0.09 14.03 -16.64
CA ILE A 490 0.01 14.12 -18.09
C ILE A 490 0.71 15.40 -18.52
N PHE A 491 0.43 16.51 -17.84
CA PHE A 491 0.90 17.80 -18.33
C PHE A 491 2.33 18.16 -17.90
N LEU A 492 2.83 17.57 -16.81
CA LEU A 492 4.12 18.00 -16.26
C LEU A 492 5.29 17.81 -17.21
N PRO A 493 5.48 16.66 -17.89
CA PRO A 493 6.62 16.56 -18.82
C PRO A 493 6.60 17.59 -19.92
N VAL A 494 5.40 17.91 -20.44
CA VAL A 494 5.28 18.93 -21.46
C VAL A 494 5.71 20.29 -20.91
N LEU A 495 5.31 20.59 -19.68
CA LEU A 495 5.71 21.85 -19.05
C LEU A 495 7.22 21.92 -18.89
N ALA A 496 7.84 20.82 -18.45
CA ALA A 496 9.29 20.81 -18.29
C ALA A 496 10.00 21.02 -19.62
N GLU A 497 9.54 20.34 -20.67
CA GLU A 497 10.18 20.50 -21.98
C GLU A 497 9.96 21.90 -22.53
N LEU A 498 8.77 22.47 -22.31
CA LEU A 498 8.51 23.84 -22.77
C LEU A 498 9.41 24.84 -22.04
N ALA A 499 9.60 24.65 -20.73
CA ALA A 499 10.50 25.51 -19.98
C ALA A 499 11.93 25.38 -20.48
N ILE A 500 12.35 24.16 -20.82
CA ILE A 500 13.68 23.98 -21.39
C ILE A 500 13.80 24.71 -22.73
N ARG A 501 12.76 24.62 -23.57
CA ARG A 501 12.79 25.27 -24.87
C ARG A 501 12.74 26.79 -24.74
N LEU A 502 12.04 27.30 -23.73
CA LEU A 502 11.92 28.74 -23.54
C LEU A 502 13.10 29.36 -22.80
N ARG A 503 14.09 28.55 -22.42
CA ARG A 503 15.27 29.02 -21.70
C ARG A 503 14.90 29.71 -20.39
N VAL A 504 13.89 29.17 -19.70
CA VAL A 504 13.46 29.66 -18.41
C VAL A 504 13.55 28.53 -17.40
N HIS A 505 13.49 28.90 -16.12
CA HIS A 505 13.58 27.91 -15.06
C HIS A 505 12.46 26.90 -15.19
N PRO A 506 12.75 25.60 -15.11
CA PRO A 506 11.68 24.60 -15.24
C PRO A 506 10.57 24.77 -14.23
N LEU A 507 10.90 25.20 -13.01
CA LEU A 507 9.87 25.42 -11.99
C LEU A 507 8.93 26.54 -12.39
N TYR A 508 9.43 27.54 -13.11
CA TYR A 508 8.61 28.67 -13.51
C TYR A 508 7.38 28.24 -14.32
N LEU A 509 7.48 27.11 -15.01
CA LEU A 509 6.33 26.54 -15.70
C LEU A 509 5.70 25.37 -14.94
N MET A 510 6.50 24.60 -14.21
CA MET A 510 5.99 23.39 -13.58
C MET A 510 5.13 23.70 -12.35
N ILE A 511 5.53 24.68 -11.55
CA ILE A 511 4.74 25.05 -10.37
C ILE A 511 3.37 25.60 -10.74
N PRO A 512 3.23 26.53 -11.70
CA PRO A 512 1.88 26.99 -12.07
C PRO A 512 0.97 25.87 -12.53
N GLY A 513 1.49 24.90 -13.27
CA GLY A 513 0.66 23.77 -13.68
C GLY A 513 0.19 22.94 -12.50
N THR A 514 1.10 22.68 -11.56
CA THR A 514 0.74 21.91 -10.38
C THR A 514 -0.32 22.63 -9.55
N VAL A 515 -0.18 23.95 -9.41
CA VAL A 515 -1.18 24.69 -8.63
C VAL A 515 -2.51 24.76 -9.37
N GLY A 516 -2.47 25.00 -10.69
CA GLY A 516 -3.69 25.18 -11.45
C GLY A 516 -4.45 23.91 -11.75
N CYS A 517 -3.81 22.75 -11.67
CA CYS A 517 -4.56 21.51 -11.85
C CYS A 517 -5.51 21.25 -10.71
N SER A 518 -5.35 21.96 -9.59
CA SER A 518 -6.30 21.89 -8.48
C SER A 518 -7.42 22.92 -8.62
N PHE A 519 -7.42 23.72 -9.67
CA PHE A 519 -8.45 24.74 -9.90
C PHE A 519 -9.65 24.08 -10.57
N ALA A 520 -10.30 23.20 -9.81
CA ALA A 520 -11.46 22.45 -10.28
C ALA A 520 -12.68 22.97 -9.54
N PHE A 521 -13.45 23.83 -10.22
CA PHE A 521 -14.57 24.52 -9.57
C PHE A 521 -15.89 24.43 -10.32
N MET A 522 -15.92 23.96 -11.56
CA MET A 522 -17.11 24.13 -12.39
C MET A 522 -18.08 22.97 -12.31
N LEU A 523 -17.59 21.74 -12.17
CA LEU A 523 -18.46 20.59 -12.30
C LEU A 523 -18.31 19.65 -11.11
N PRO A 524 -19.36 18.90 -10.78
CA PRO A 524 -19.21 17.85 -9.76
C PRO A 524 -18.18 16.80 -10.14
N VAL A 525 -18.01 16.53 -11.43
CA VAL A 525 -17.04 15.54 -11.88
C VAL A 525 -15.61 16.06 -11.75
N SER A 526 -15.43 17.38 -11.60
CA SER A 526 -14.09 17.95 -11.56
C SER A 526 -13.29 17.41 -10.38
N THR A 527 -13.85 17.49 -9.18
CA THR A 527 -13.17 17.01 -7.98
C THR A 527 -14.20 16.39 -7.05
N PRO A 528 -13.80 15.41 -6.24
CA PRO A 528 -14.75 14.72 -5.35
C PRO A 528 -15.46 15.66 -4.39
N PRO A 529 -14.79 16.70 -3.85
CA PRO A 529 -15.54 17.66 -3.01
C PRO A 529 -16.72 18.29 -3.73
N ASN A 530 -16.57 18.58 -5.03
CA ASN A 530 -17.69 19.11 -5.80
C ASN A 530 -18.83 18.10 -5.86
N SER A 531 -18.49 16.81 -6.01
CA SER A 531 -19.52 15.78 -6.00
C SER A 531 -20.24 15.71 -4.67
N ILE A 532 -19.49 15.81 -3.57
CA ILE A 532 -20.12 15.77 -2.24
C ILE A 532 -21.06 16.95 -2.06
N ALA A 533 -20.63 18.15 -2.50
CA ALA A 533 -21.51 19.32 -2.40
C ALA A 533 -22.75 19.15 -3.27
N PHE A 534 -22.58 18.63 -4.49
CA PHE A 534 -23.71 18.45 -5.39
C PHE A 534 -24.68 17.41 -4.87
N ALA A 535 -24.20 16.44 -4.09
CA ALA A 535 -25.07 15.42 -3.52
C ALA A 535 -26.06 16.01 -2.52
N SER A 536 -25.83 17.23 -2.03
CA SER A 536 -26.76 17.84 -1.08
C SER A 536 -28.09 18.15 -1.73
N GLY A 537 -28.10 18.47 -3.03
CA GLY A 537 -29.32 18.75 -3.75
C GLY A 537 -29.74 20.21 -3.79
N HIS A 538 -29.06 21.08 -3.06
CA HIS A 538 -29.38 22.50 -3.08
C HIS A 538 -28.59 23.27 -4.14
N LEU A 539 -27.64 22.64 -4.80
CA LEU A 539 -26.80 23.30 -5.79
C LEU A 539 -27.16 22.80 -7.18
N LEU A 540 -27.31 23.72 -8.12
CA LEU A 540 -27.49 23.38 -9.52
C LEU A 540 -26.15 23.39 -10.24
N VAL A 541 -26.10 22.72 -11.40
CA VAL A 541 -24.89 22.69 -12.19
C VAL A 541 -24.55 24.08 -12.72
N LYS A 542 -25.57 24.84 -13.11
CA LYS A 542 -25.34 26.18 -13.66
C LYS A 542 -24.73 27.10 -12.61
N ASP A 543 -25.18 27.01 -11.36
CA ASP A 543 -24.62 27.83 -10.30
C ASP A 543 -23.14 27.54 -10.10
N MET A 544 -22.79 26.26 -10.02
CA MET A 544 -21.40 25.87 -9.85
C MET A 544 -20.55 26.31 -11.04
N VAL A 545 -21.10 26.20 -12.25
CA VAL A 545 -20.35 26.59 -13.44
C VAL A 545 -20.09 28.10 -13.45
N ARG A 546 -21.12 28.89 -13.14
CA ARG A 546 -20.97 30.34 -13.20
C ARG A 546 -20.10 30.86 -12.07
N THR A 547 -20.05 30.16 -10.95
CA THR A 547 -19.08 30.52 -9.91
C THR A 547 -17.67 30.10 -10.31
N GLY A 548 -17.53 28.91 -10.91
CA GLY A 548 -16.23 28.39 -11.27
C GLY A 548 -15.56 29.14 -12.40
N LEU A 549 -16.33 29.78 -13.28
CA LEU A 549 -15.72 30.65 -14.28
C LEU A 549 -14.82 31.69 -13.64
N LEU A 550 -15.41 32.55 -12.80
CA LEU A 550 -14.63 33.60 -12.16
C LEU A 550 -13.63 33.03 -11.16
N MET A 551 -13.96 31.89 -10.53
CA MET A 551 -12.99 31.28 -9.63
C MET A 551 -11.72 30.88 -10.37
N ASN A 552 -11.88 30.24 -11.53
CA ASN A 552 -10.74 29.86 -12.35
C ASN A 552 -9.96 31.08 -12.83
N LEU A 553 -10.68 32.12 -13.27
CA LEU A 553 -9.97 33.30 -13.77
C LEU A 553 -9.17 33.98 -12.66
N MET A 554 -9.77 34.15 -11.48
CA MET A 554 -9.05 34.76 -10.36
C MET A 554 -7.88 33.89 -9.92
N GLY A 555 -8.07 32.57 -9.89
CA GLY A 555 -6.96 31.70 -9.54
C GLY A 555 -5.81 31.80 -10.51
N VAL A 556 -6.11 31.86 -11.81
CA VAL A 556 -5.05 31.97 -12.83
C VAL A 556 -4.31 33.29 -12.67
N LEU A 557 -5.06 34.39 -12.49
CA LEU A 557 -4.42 35.69 -12.34
C LEU A 557 -3.55 35.75 -11.09
N LEU A 558 -4.05 35.25 -9.97
CA LEU A 558 -3.28 35.27 -8.73
C LEU A 558 -2.06 34.36 -8.82
N LEU A 559 -2.19 33.23 -9.52
CA LEU A 559 -1.05 32.35 -9.71
C LEU A 559 0.02 33.02 -10.56
N SER A 560 -0.38 33.74 -11.60
CA SER A 560 0.59 34.48 -12.40
C SER A 560 1.28 35.56 -11.56
N LEU A 561 0.52 36.27 -10.73
CA LEU A 561 1.11 37.28 -9.85
C LEU A 561 2.12 36.64 -8.91
N ALA A 562 1.75 35.52 -8.28
CA ALA A 562 2.64 34.84 -7.35
C ALA A 562 3.90 34.35 -8.05
N MET A 563 3.75 33.78 -9.25
CA MET A 563 4.91 33.24 -9.95
C MET A 563 5.84 34.34 -10.45
N ASN A 564 5.30 35.52 -10.74
CA ASN A 564 6.12 36.61 -11.24
C ASN A 564 6.61 37.56 -10.17
N THR A 565 6.15 37.44 -8.91
CA THR A 565 6.54 38.38 -7.88
C THR A 565 7.39 37.76 -6.79
N TRP A 566 6.90 36.73 -6.08
CA TRP A 566 7.63 36.21 -4.93
C TRP A 566 8.08 34.76 -5.08
N ALA A 567 7.56 34.02 -6.06
CA ALA A 567 8.14 32.72 -6.37
C ALA A 567 9.55 32.87 -6.93
N GLN A 568 9.83 34.00 -7.58
CA GLN A 568 11.17 34.25 -8.12
C GLN A 568 12.21 34.27 -7.02
N THR A 569 11.91 34.91 -5.90
CA THR A 569 12.86 34.97 -4.79
C THR A 569 12.94 33.63 -4.07
N ILE A 570 11.80 32.96 -3.88
CA ILE A 570 11.78 31.73 -3.09
C ILE A 570 12.51 30.61 -3.82
N PHE A 571 12.23 30.43 -5.10
CA PHE A 571 12.79 29.32 -5.86
C PHE A 571 13.93 29.71 -6.77
N GLN A 572 14.38 30.96 -6.71
CA GLN A 572 15.51 31.45 -7.51
C GLN A 572 15.25 31.23 -9.01
N LEU A 573 14.09 31.67 -9.46
CA LEU A 573 13.65 31.45 -10.84
C LEU A 573 14.18 32.51 -11.80
N GLY A 574 14.90 33.52 -11.32
CA GLY A 574 15.36 34.58 -12.19
C GLY A 574 16.36 34.11 -13.23
N THR A 575 17.22 33.17 -12.85
CA THR A 575 18.30 32.71 -13.71
C THR A 575 18.05 31.28 -14.16
N PHE A 576 18.44 30.97 -15.38
CA PHE A 576 18.34 29.61 -15.90
C PHE A 576 19.32 28.71 -15.16
N PRO A 577 18.86 27.68 -14.47
CA PRO A 577 19.78 26.84 -13.69
C PRO A 577 20.68 26.00 -14.59
N ASP A 578 21.84 25.64 -14.03
CA ASP A 578 22.80 24.82 -14.77
C ASP A 578 22.25 23.43 -15.03
N TRP A 579 21.56 22.84 -14.06
CA TRP A 579 21.05 21.48 -14.22
C TRP A 579 19.94 21.39 -15.25
N ALA A 580 19.34 22.51 -15.63
CA ALA A 580 18.33 22.50 -16.68
C ALA A 580 18.95 22.60 -18.08
N ASP A 581 20.25 22.85 -18.17
CA ASP A 581 20.91 22.98 -19.47
C ASP A 581 21.62 21.68 -19.85
N MET B 1 4.93 -13.12 49.17
CA MET B 1 5.06 -14.07 48.08
C MET B 1 4.26 -13.63 46.86
N ALA B 2 3.10 -13.02 47.10
CA ALA B 2 2.28 -12.51 46.02
C ALA B 2 2.79 -11.18 45.47
N ALA B 3 3.67 -10.50 46.19
CA ALA B 3 4.22 -9.24 45.70
C ALA B 3 5.04 -9.45 44.44
N LEU B 4 5.82 -10.54 44.39
CA LEU B 4 6.59 -10.85 43.19
C LEU B 4 5.68 -11.10 42.00
N ALA B 5 4.59 -11.84 42.21
CA ALA B 5 3.65 -12.10 41.12
C ALA B 5 2.98 -10.81 40.66
N ALA B 6 2.60 -9.94 41.60
CA ALA B 6 1.99 -8.67 41.24
C ALA B 6 2.97 -7.81 40.44
N ALA B 7 4.24 -7.75 40.85
CA ALA B 7 5.23 -6.98 40.12
C ALA B 7 5.46 -7.56 38.73
N ALA B 8 5.49 -8.89 38.62
CA ALA B 8 5.67 -9.52 37.31
C ALA B 8 4.50 -9.21 36.40
N LYS B 9 3.28 -9.25 36.92
CA LYS B 9 2.10 -8.91 36.11
C LYS B 9 2.14 -7.44 35.69
N LYS B 10 2.55 -6.55 36.60
CA LYS B 10 2.65 -5.14 36.26
C LYS B 10 3.67 -4.90 35.16
N VAL B 11 4.82 -5.57 35.23
CA VAL B 11 5.83 -5.44 34.18
C VAL B 11 5.31 -6.00 32.87
N TRP B 12 4.62 -7.14 32.93
CA TRP B 12 4.07 -7.76 31.72
C TRP B 12 3.03 -6.87 31.05
N SER B 13 2.26 -6.12 31.84
CA SER B 13 1.24 -5.25 31.26
C SER B 13 1.87 -4.17 30.38
N ALA B 14 2.99 -3.60 30.81
CA ALA B 14 3.69 -2.57 30.06
C ALA B 14 4.92 -3.12 29.34
N ARG B 15 4.85 -4.36 28.87
CA ARG B 15 6.03 -4.99 28.26
C ARG B 15 6.43 -4.32 26.96
N ARG B 16 5.44 -3.87 26.17
CA ARG B 16 5.75 -3.29 24.86
C ARG B 16 6.52 -1.99 25.01
N LEU B 17 6.04 -1.07 25.85
CA LEU B 17 6.73 0.20 26.06
C LEU B 17 8.09 -0.03 26.70
N LEU B 18 8.18 -0.97 27.65
CA LEU B 18 9.45 -1.25 28.31
C LEU B 18 10.48 -1.76 27.31
N VAL B 19 10.08 -2.72 26.46
CA VAL B 19 10.99 -3.23 25.45
C VAL B 19 11.40 -2.13 24.48
N LEU B 20 10.42 -1.32 24.04
CA LEU B 20 10.71 -0.27 23.08
C LEU B 20 11.69 0.76 23.64
N LEU B 21 11.57 1.08 24.92
CA LEU B 21 12.43 2.11 25.49
C LEU B 21 13.79 1.58 25.92
N PHE B 22 13.89 0.30 26.29
CA PHE B 22 15.13 -0.25 26.82
C PHE B 22 15.94 -1.05 25.80
N THR B 23 15.37 -1.33 24.62
CA THR B 23 16.16 -2.02 23.60
C THR B 23 17.27 -1.15 23.02
N PRO B 24 17.02 0.13 22.65
CA PRO B 24 18.15 0.95 22.19
C PRO B 24 19.25 1.10 23.21
N LEU B 25 18.89 1.24 24.49
CA LEU B 25 19.90 1.32 25.55
C LEU B 25 20.72 0.04 25.63
N ALA B 26 20.06 -1.12 25.52
CA ALA B 26 20.77 -2.38 25.57
C ALA B 26 21.69 -2.58 24.38
N LEU B 27 21.25 -2.14 23.20
CA LEU B 27 22.02 -2.32 21.97
C LEU B 27 23.02 -1.21 21.72
N LEU B 28 23.03 -0.17 22.56
CA LEU B 28 23.99 0.92 22.40
C LEU B 28 25.45 0.48 22.33
N PRO B 29 25.94 -0.48 23.13
CA PRO B 29 27.35 -0.87 23.02
C PRO B 29 27.74 -1.42 21.67
N VAL B 30 26.78 -1.89 20.86
CA VAL B 30 27.10 -2.41 19.53
C VAL B 30 27.70 -1.31 18.65
N VAL B 31 27.20 -0.10 18.79
CA VAL B 31 27.70 1.01 17.97
C VAL B 31 29.17 1.27 18.26
N PHE B 32 29.55 1.26 19.54
CA PHE B 32 30.93 1.53 19.90
C PHE B 32 31.85 0.34 19.62
N ALA B 33 31.34 -0.88 19.77
CA ALA B 33 32.18 -2.06 19.60
C ALA B 33 32.66 -2.20 18.15
N LEU B 34 31.79 -1.93 17.20
CA LEU B 34 32.07 -2.13 15.78
C LEU B 34 32.51 -0.83 15.13
N PRO B 35 33.06 -0.90 13.91
CA PRO B 35 33.31 0.32 13.17
C PRO B 35 32.03 1.10 12.95
N PRO B 36 32.13 2.43 12.79
CA PRO B 36 30.92 3.27 12.88
C PRO B 36 29.77 2.87 11.94
N LYS B 37 30.03 2.78 10.64
CA LYS B 37 28.95 2.49 9.70
C LYS B 37 28.40 1.09 9.92
N GLU B 38 29.28 0.10 10.03
CA GLU B 38 28.86 -1.28 10.29
C GLU B 38 28.17 -1.38 11.65
N GLY B 39 28.71 -0.69 12.66
CA GLY B 39 28.09 -0.75 13.98
C GLY B 39 26.69 -0.17 14.00
N ARG B 40 26.50 0.97 13.33
CA ARG B 40 25.16 1.57 13.27
C ARG B 40 24.20 0.69 12.48
N CYS B 41 24.66 0.09 11.39
CA CYS B 41 23.79 -0.82 10.64
C CYS B 41 23.40 -2.03 11.48
N LEU B 42 24.35 -2.61 12.21
CA LEU B 42 24.04 -3.74 13.07
C LEU B 42 23.10 -3.34 14.19
N PHE B 43 23.27 -2.14 14.73
CA PHE B 43 22.35 -1.62 15.75
C PHE B 43 20.93 -1.55 15.20
N VAL B 44 20.79 -1.01 13.99
CA VAL B 44 19.46 -0.90 13.39
C VAL B 44 18.85 -2.29 13.16
N ILE B 45 19.66 -3.22 12.65
CA ILE B 45 19.14 -4.55 12.35
C ILE B 45 18.72 -5.27 13.63
N LEU B 46 19.53 -5.18 14.69
CA LEU B 46 19.19 -5.83 15.96
C LEU B 46 17.97 -5.18 16.59
N LEU B 47 17.85 -3.85 16.50
CA LEU B 47 16.67 -3.19 17.02
C LEU B 47 15.41 -3.65 16.30
N MET B 48 15.48 -3.75 14.97
CA MET B 48 14.34 -4.24 14.21
C MET B 48 14.01 -5.67 14.57
N ALA B 49 15.03 -6.51 14.76
CA ALA B 49 14.80 -7.91 15.13
C ALA B 49 14.09 -8.01 16.47
N VAL B 50 14.56 -7.25 17.47
CA VAL B 50 13.95 -7.31 18.79
C VAL B 50 12.52 -6.79 18.73
N TYR B 51 12.29 -5.68 18.01
CA TYR B 51 10.94 -5.13 17.92
C TYR B 51 10.00 -6.09 17.21
N TRP B 52 10.49 -6.79 16.18
CA TRP B 52 9.67 -7.76 15.48
C TRP B 52 9.33 -8.95 16.37
N CYS B 53 10.32 -9.45 17.12
CA CYS B 53 10.09 -10.64 17.94
C CYS B 53 9.23 -10.34 19.16
N THR B 54 9.36 -9.15 19.75
CA THR B 54 8.62 -8.80 20.95
C THR B 54 7.28 -8.13 20.66
N GLU B 55 6.98 -7.80 19.41
CA GLU B 55 5.78 -7.07 19.05
C GLU B 55 5.68 -5.73 19.78
N ALA B 56 6.83 -5.09 20.03
CA ALA B 56 6.82 -3.78 20.66
C ALA B 56 6.14 -2.75 19.78
N LEU B 57 6.24 -2.91 18.47
CA LEU B 57 5.56 -2.11 17.48
C LEU B 57 4.85 -3.04 16.51
N PRO B 58 3.86 -2.54 15.78
CA PRO B 58 3.30 -3.34 14.67
C PRO B 58 4.39 -3.67 13.67
N LEU B 59 4.28 -4.87 13.09
CA LEU B 59 5.35 -5.38 12.23
C LEU B 59 5.60 -4.46 11.05
N SER B 60 4.53 -3.93 10.44
CA SER B 60 4.70 -2.97 9.35
C SER B 60 5.35 -1.69 9.84
N VAL B 61 5.00 -1.23 11.05
CA VAL B 61 5.61 -0.03 11.60
C VAL B 61 7.09 -0.26 11.87
N THR B 62 7.44 -1.42 12.41
CA THR B 62 8.85 -1.75 12.60
C THR B 62 9.58 -1.83 11.26
N ALA B 63 8.89 -2.29 10.21
CA ALA B 63 9.50 -2.36 8.90
C ALA B 63 9.82 -0.97 8.34
N LEU B 64 9.21 0.08 8.86
CA LEU B 64 9.50 1.44 8.43
C LEU B 64 10.72 2.03 9.13
N LEU B 65 11.30 1.31 10.09
CA LEU B 65 12.46 1.83 10.81
C LEU B 65 13.66 2.17 9.93
N PRO B 66 14.02 1.40 8.89
CA PRO B 66 15.17 1.81 8.06
C PRO B 66 15.04 3.20 7.49
N ILE B 67 13.82 3.60 7.11
CA ILE B 67 13.56 4.90 6.52
C ILE B 67 14.06 6.02 7.42
N VAL B 68 13.90 5.86 8.73
CA VAL B 68 14.37 6.86 9.67
C VAL B 68 15.84 6.64 10.01
N LEU B 69 16.20 5.40 10.34
CA LEU B 69 17.51 5.14 10.94
C LEU B 69 18.65 5.23 9.94
N PHE B 70 18.49 4.66 8.73
CA PHE B 70 19.59 4.66 7.78
C PHE B 70 20.01 6.06 7.36
N PRO B 71 19.10 6.98 7.01
CA PRO B 71 19.57 8.35 6.69
C PRO B 71 20.10 9.09 7.90
N PHE B 72 19.48 8.92 9.06
CA PHE B 72 19.95 9.64 10.25
C PHE B 72 21.33 9.17 10.67
N MET B 73 21.63 7.88 10.50
CA MET B 73 22.92 7.33 10.87
C MET B 73 23.92 7.33 9.73
N GLY B 74 23.55 7.85 8.56
CA GLY B 74 24.46 7.92 7.44
C GLY B 74 24.69 6.61 6.72
N ILE B 75 23.90 5.57 7.03
CA ILE B 75 24.06 4.29 6.35
C ILE B 75 23.62 4.38 4.91
N LEU B 76 22.48 5.02 4.66
CA LEU B 76 21.89 5.07 3.33
C LEU B 76 20.93 6.23 3.21
N PRO B 77 21.03 7.04 2.15
CA PRO B 77 20.12 8.19 2.00
C PRO B 77 18.70 7.74 1.72
N SER B 78 17.76 8.64 2.00
CA SER B 78 16.33 8.30 1.90
C SER B 78 15.95 7.93 0.48
N ASN B 79 16.51 8.62 -0.52
CA ASN B 79 16.20 8.32 -1.91
C ASN B 79 16.71 6.95 -2.35
N LYS B 80 17.54 6.30 -1.54
CA LYS B 80 17.96 4.92 -1.80
C LYS B 80 17.20 3.91 -0.95
N VAL B 81 16.90 4.26 0.30
CA VAL B 81 16.18 3.33 1.17
C VAL B 81 14.74 3.18 0.71
N CYS B 82 14.08 4.29 0.38
CA CYS B 82 12.66 4.25 0.08
C CYS B 82 12.29 3.39 -1.13
N PRO B 83 12.92 3.53 -2.32
CA PRO B 83 12.58 2.68 -3.46
C PRO B 83 12.73 1.16 -3.23
N GLN B 84 13.54 0.73 -2.28
CA GLN B 84 13.63 -0.69 -1.91
C GLN B 84 12.30 -1.27 -1.45
N TYR B 85 11.34 -0.47 -1.07
CA TYR B 85 10.07 -0.96 -0.52
C TYR B 85 9.09 -1.37 -1.61
N PHE B 86 9.39 -1.04 -2.84
CA PHE B 86 8.57 -1.48 -3.99
C PHE B 86 9.43 -2.06 -5.10
N LEU B 87 10.42 -2.85 -4.77
CA LEU B 87 11.08 -3.75 -5.76
C LEU B 87 10.00 -4.63 -6.41
N ASP B 88 10.16 -5.16 -7.64
CA ASP B 88 9.26 -5.97 -8.47
C ASP B 88 8.80 -7.23 -7.75
N THR B 89 9.64 -7.77 -6.86
CA THR B 89 9.19 -8.89 -6.04
C THR B 89 7.96 -8.52 -5.22
N ASN B 90 7.92 -7.28 -4.73
CA ASN B 90 6.77 -6.85 -3.95
C ASN B 90 5.54 -6.66 -4.83
N PHE B 91 5.71 -6.28 -6.09
CA PHE B 91 4.58 -6.31 -7.02
C PHE B 91 4.10 -7.72 -7.30
N LEU B 92 5.01 -8.69 -7.39
CA LEU B 92 4.57 -10.06 -7.55
C LEU B 92 3.74 -10.49 -6.35
N PHE B 93 4.17 -10.08 -5.15
CA PHE B 93 3.36 -10.33 -3.96
C PHE B 93 1.99 -9.66 -4.07
N LEU B 94 1.96 -8.40 -4.52
CA LEU B 94 0.70 -7.68 -4.62
C LEU B 94 -0.25 -8.33 -5.62
N SER B 95 0.27 -8.78 -6.76
CA SER B 95 -0.56 -9.47 -7.73
C SER B 95 -1.10 -10.78 -7.18
N GLY B 96 -0.26 -11.54 -6.46
CA GLY B 96 -0.74 -12.73 -5.81
C GLY B 96 -1.84 -12.44 -4.80
N LEU B 97 -1.68 -11.36 -4.03
CA LEU B 97 -2.70 -10.98 -3.06
C LEU B 97 -3.99 -10.58 -3.75
N ILE B 98 -3.90 -9.83 -4.85
CA ILE B 98 -5.09 -9.41 -5.57
C ILE B 98 -5.83 -10.63 -6.12
N MET B 99 -5.08 -11.61 -6.64
CA MET B 99 -5.77 -12.78 -7.18
C MET B 99 -6.34 -13.65 -6.07
N ALA B 100 -5.67 -13.72 -4.92
CA ALA B 100 -6.26 -14.41 -3.77
C ALA B 100 -7.55 -13.72 -3.34
N SER B 101 -7.57 -12.38 -3.36
CA SER B 101 -8.77 -11.64 -3.04
C SER B 101 -9.89 -11.92 -4.04
N ALA B 102 -9.54 -11.98 -5.32
CA ALA B 102 -10.55 -12.30 -6.34
C ALA B 102 -11.10 -13.70 -6.17
N ILE B 103 -10.24 -14.66 -5.85
CA ILE B 103 -10.68 -16.04 -5.63
C ILE B 103 -11.61 -16.12 -4.43
N GLU B 104 -11.24 -15.46 -3.33
CA GLU B 104 -12.06 -15.53 -2.12
C GLU B 104 -13.36 -14.76 -2.27
N GLU B 105 -13.36 -13.69 -3.08
CA GLU B 105 -14.57 -12.89 -3.25
C GLU B 105 -15.69 -13.70 -3.90
N TRP B 106 -15.36 -14.51 -4.89
CA TRP B 106 -16.34 -15.29 -5.62
C TRP B 106 -16.52 -16.69 -5.05
N ASN B 107 -15.95 -16.95 -3.87
CA ASN B 107 -16.19 -18.18 -3.12
C ASN B 107 -15.71 -19.42 -3.90
N LEU B 108 -14.72 -19.22 -4.77
CA LEU B 108 -14.20 -20.33 -5.58
C LEU B 108 -13.36 -21.28 -4.72
N HIS B 109 -12.65 -20.75 -3.72
CA HIS B 109 -11.84 -21.59 -2.85
C HIS B 109 -12.69 -22.60 -2.09
N ARG B 110 -13.85 -22.17 -1.58
CA ARG B 110 -14.74 -23.09 -0.89
C ARG B 110 -15.28 -24.16 -1.84
N ARG B 111 -15.59 -23.78 -3.08
CA ARG B 111 -16.07 -24.76 -4.05
C ARG B 111 -15.01 -25.81 -4.32
N ILE B 112 -13.77 -25.38 -4.56
CA ILE B 112 -12.68 -26.32 -4.80
C ILE B 112 -12.47 -27.21 -3.58
N ALA B 113 -12.51 -26.61 -2.38
CA ALA B 113 -12.31 -27.37 -1.16
C ALA B 113 -13.36 -28.46 -0.99
N LEU B 114 -14.63 -28.11 -1.18
CA LEU B 114 -15.70 -29.08 -0.99
C LEU B 114 -15.67 -30.16 -2.07
N LYS B 115 -15.29 -29.79 -3.31
CA LYS B 115 -15.15 -30.80 -4.35
C LYS B 115 -14.05 -31.80 -3.99
N ILE B 116 -12.89 -31.30 -3.56
CA ILE B 116 -11.81 -32.19 -3.18
C ILE B 116 -12.22 -33.06 -2.00
N LEU B 117 -12.98 -32.49 -1.07
CA LEU B 117 -13.43 -33.26 0.09
C LEU B 117 -14.40 -34.37 -0.32
N MET B 118 -15.23 -34.13 -1.33
CA MET B 118 -16.05 -35.21 -1.88
C MET B 118 -15.17 -36.30 -2.49
N LEU B 119 -14.22 -35.91 -3.33
CA LEU B 119 -13.44 -36.93 -4.04
C LEU B 119 -12.53 -37.73 -3.13
N VAL B 120 -12.01 -37.14 -2.05
CA VAL B 120 -11.06 -37.87 -1.22
C VAL B 120 -11.75 -38.99 -0.44
N GLY B 121 -12.91 -38.70 0.14
CA GLY B 121 -13.66 -39.70 0.88
C GLY B 121 -14.03 -39.21 2.27
N VAL B 122 -14.42 -40.16 3.11
CA VAL B 122 -14.88 -39.85 4.46
C VAL B 122 -14.16 -40.66 5.55
N GLN B 123 -13.54 -41.78 5.20
CA GLN B 123 -12.86 -42.60 6.20
C GLN B 123 -11.78 -41.77 6.89
N PRO B 124 -11.52 -42.01 8.19
CA PRO B 124 -10.78 -41.01 8.97
C PRO B 124 -9.37 -40.76 8.48
N ALA B 125 -8.62 -41.79 8.09
CA ALA B 125 -7.33 -41.56 7.47
C ALA B 125 -7.48 -40.83 6.14
N ARG B 126 -8.42 -41.29 5.31
CA ARG B 126 -8.68 -40.63 4.04
C ARG B 126 -9.22 -39.22 4.24
N LEU B 127 -10.04 -39.00 5.26
CA LEU B 127 -10.59 -37.68 5.48
C LEU B 127 -9.53 -36.71 5.99
N ILE B 128 -8.64 -37.18 6.87
CA ILE B 128 -7.51 -36.36 7.30
C ILE B 128 -6.62 -36.03 6.11
N LEU B 129 -6.34 -37.01 5.27
CA LEU B 129 -5.52 -36.77 4.09
C LEU B 129 -6.19 -35.76 3.16
N GLY B 130 -7.50 -35.86 2.98
CA GLY B 130 -8.20 -34.91 2.14
C GLY B 130 -8.16 -33.49 2.69
N MET B 131 -8.37 -33.36 4.01
CA MET B 131 -8.27 -32.04 4.64
C MET B 131 -6.89 -31.45 4.42
N MET B 132 -5.84 -32.23 4.68
CA MET B 132 -4.48 -31.73 4.55
C MET B 132 -4.16 -31.38 3.10
N VAL B 133 -4.56 -32.23 2.16
CA VAL B 133 -4.31 -31.98 0.74
C VAL B 133 -5.01 -30.71 0.30
N THR B 134 -6.27 -30.54 0.69
CA THR B 134 -7.04 -29.37 0.31
C THR B 134 -6.41 -28.10 0.87
N THR B 135 -6.05 -28.11 2.16
CA THR B 135 -5.48 -26.93 2.78
C THR B 135 -4.13 -26.59 2.17
N SER B 136 -3.29 -27.61 1.92
CA SER B 136 -1.98 -27.37 1.34
C SER B 136 -2.09 -26.80 -0.07
N PHE B 137 -3.00 -27.34 -0.89
CA PHE B 137 -3.14 -26.84 -2.25
C PHE B 137 -3.75 -25.43 -2.27
N LEU B 138 -4.66 -25.14 -1.35
CA LEU B 138 -5.21 -23.79 -1.30
C LEU B 138 -4.21 -22.78 -0.75
N SER B 139 -3.26 -23.24 0.07
CA SER B 139 -2.25 -22.34 0.63
C SER B 139 -1.17 -21.96 -0.36
N MET B 140 -1.12 -22.59 -1.54
CA MET B 140 -0.20 -22.12 -2.57
C MET B 140 -0.55 -20.73 -3.06
N TRP B 141 -1.84 -20.40 -3.08
CA TRP B 141 -2.31 -19.16 -3.68
C TRP B 141 -3.00 -18.24 -2.69
N LEU B 142 -3.63 -18.77 -1.65
CA LEU B 142 -4.17 -17.98 -0.56
C LEU B 142 -3.17 -17.98 0.60
N SER B 143 -3.37 -17.04 1.53
CA SER B 143 -2.55 -17.01 2.73
C SER B 143 -2.84 -18.24 3.59
N ASN B 144 -1.83 -18.64 4.37
CA ASN B 144 -2.03 -19.73 5.31
C ASN B 144 -3.12 -19.40 6.31
N THR B 145 -3.16 -18.14 6.75
CA THR B 145 -4.20 -17.70 7.68
C THR B 145 -5.59 -17.85 7.06
N ALA B 146 -5.76 -17.37 5.83
CA ALA B 146 -7.06 -17.48 5.17
C ALA B 146 -7.45 -18.92 4.91
N SER B 147 -6.49 -19.74 4.47
CA SER B 147 -6.78 -21.15 4.21
C SER B 147 -7.22 -21.87 5.47
N THR B 148 -6.52 -21.63 6.57
CA THR B 148 -6.90 -22.27 7.84
C THR B 148 -8.26 -21.75 8.32
N ALA B 149 -8.48 -20.45 8.24
CA ALA B 149 -9.75 -19.88 8.70
C ALA B 149 -10.93 -20.35 7.87
N MET B 150 -10.69 -20.68 6.60
CA MET B 150 -11.78 -21.16 5.77
C MET B 150 -12.00 -22.66 5.97
N MET B 151 -10.92 -23.42 6.19
CA MET B 151 -11.05 -24.86 6.28
C MET B 151 -11.51 -25.33 7.66
N LEU B 152 -11.24 -24.55 8.71
CA LEU B 152 -11.61 -24.98 10.05
C LEU B 152 -13.12 -25.15 10.25
N PRO B 153 -13.99 -24.22 9.82
CA PRO B 153 -15.43 -24.45 9.99
C PRO B 153 -15.93 -25.69 9.27
N ILE B 154 -15.37 -26.02 8.10
CA ILE B 154 -15.76 -27.24 7.40
C ILE B 154 -15.40 -28.47 8.23
N ALA B 155 -14.20 -28.47 8.82
CA ALA B 155 -13.80 -29.57 9.68
C ALA B 155 -14.71 -29.67 10.89
N ASN B 156 -15.07 -28.53 11.48
CA ASN B 156 -15.97 -28.55 12.63
C ASN B 156 -17.33 -29.15 12.26
N ALA B 157 -17.88 -28.74 11.11
CA ALA B 157 -19.16 -29.27 10.68
C ALA B 157 -19.09 -30.77 10.40
N ILE B 158 -18.01 -31.22 9.74
CA ILE B 158 -17.87 -32.65 9.44
C ILE B 158 -17.72 -33.45 10.72
N LEU B 159 -16.94 -32.94 11.68
CA LEU B 159 -16.74 -33.66 12.94
C LEU B 159 -18.02 -33.71 13.74
N LYS B 160 -18.80 -32.62 13.76
CA LYS B 160 -20.09 -32.62 14.44
C LYS B 160 -21.04 -33.63 13.80
N SER B 161 -21.04 -33.70 12.47
CA SER B 161 -21.90 -34.68 11.79
C SER B 161 -21.47 -36.10 12.10
N LEU B 162 -20.16 -36.35 12.14
CA LEU B 162 -19.66 -37.70 12.39
C LEU B 162 -20.02 -38.19 13.78
N PHE B 163 -19.91 -37.32 14.77
CA PHE B 163 -20.15 -37.67 16.18
C PHE B 163 -21.42 -37.01 16.71
N GLY B 164 -22.44 -36.93 15.88
CA GLY B 164 -23.70 -36.33 16.28
C GLY B 164 -24.85 -37.33 16.34
N ASP B 219 -18.20 -48.23 25.00
CA ASP B 219 -18.34 -46.78 24.84
C ASP B 219 -17.64 -46.12 26.04
N SER B 220 -18.18 -45.02 26.54
CA SER B 220 -17.69 -44.29 27.71
C SER B 220 -16.24 -43.88 27.45
N ARG B 221 -15.26 -44.36 28.21
CA ARG B 221 -13.91 -43.82 28.14
C ARG B 221 -13.28 -44.06 26.77
N LYS B 222 -13.42 -45.27 26.22
CA LYS B 222 -12.75 -45.60 24.97
C LYS B 222 -13.25 -44.72 23.83
N GLU B 223 -14.58 -44.64 23.66
CA GLU B 223 -15.13 -43.83 22.58
C GLU B 223 -14.87 -42.35 22.81
N ASP B 224 -14.92 -41.89 24.06
CA ASP B 224 -14.62 -40.48 24.33
C ASP B 224 -13.19 -40.14 23.97
N GLU B 225 -12.24 -41.01 24.34
CA GLU B 225 -10.84 -40.80 23.97
C GLU B 225 -10.66 -40.80 22.45
N TYR B 226 -11.32 -41.74 21.78
CA TYR B 226 -11.19 -41.82 20.32
C TYR B 226 -11.72 -40.55 19.66
N ARG B 227 -12.87 -40.06 20.12
CA ARG B 227 -13.44 -38.85 19.54
C ARG B 227 -12.58 -37.64 19.83
N ARG B 228 -12.05 -37.52 21.05
CA ARG B 228 -11.17 -36.41 21.38
C ARG B 228 -9.92 -36.43 20.51
N ASN B 229 -9.32 -37.60 20.33
CA ASN B 229 -8.13 -37.72 19.49
C ASN B 229 -8.44 -37.38 18.05
N ILE B 230 -9.59 -37.82 17.53
CA ILE B 230 -9.96 -37.50 16.16
C ILE B 230 -10.14 -36.00 15.99
N TRP B 231 -10.80 -35.35 16.95
CA TRP B 231 -10.97 -33.90 16.90
C TRP B 231 -9.62 -33.19 16.90
N LYS B 232 -8.71 -33.63 17.78
CA LYS B 232 -7.40 -32.99 17.85
C LYS B 232 -6.63 -33.19 16.56
N GLY B 233 -6.69 -34.38 15.97
CA GLY B 233 -5.99 -34.63 14.72
C GLY B 233 -6.52 -33.76 13.59
N PHE B 234 -7.85 -33.67 13.48
CA PHE B 234 -8.43 -32.82 12.45
C PHE B 234 -8.04 -31.36 12.64
N LEU B 235 -8.11 -30.86 13.88
CA LEU B 235 -7.84 -29.44 14.10
C LEU B 235 -6.34 -29.11 14.04
N ILE B 236 -5.46 -30.10 14.19
CA ILE B 236 -4.04 -29.85 14.07
C ILE B 236 -3.52 -30.09 12.65
N SER B 237 -4.24 -30.88 11.84
CA SER B 237 -3.77 -31.15 10.49
C SER B 237 -3.96 -29.96 9.55
N ILE B 238 -4.92 -29.08 9.83
CA ILE B 238 -5.24 -27.97 8.94
C ILE B 238 -4.14 -26.90 8.95
N PRO B 239 -3.75 -26.33 10.10
CA PRO B 239 -2.69 -25.30 10.05
C PRO B 239 -1.35 -25.86 9.63
N TYR B 240 -1.03 -27.10 10.00
CA TYR B 240 0.22 -27.70 9.56
C TYR B 240 0.25 -27.83 8.04
N SER B 241 -0.85 -28.30 7.46
CA SER B 241 -0.91 -28.42 6.01
C SER B 241 -0.88 -27.06 5.33
N ALA B 242 -1.51 -26.05 5.95
CA ALA B 242 -1.44 -24.70 5.39
C ALA B 242 -0.01 -24.19 5.38
N SER B 243 0.72 -24.38 6.48
CA SER B 243 2.10 -23.94 6.55
C SER B 243 2.97 -24.69 5.54
N ILE B 244 2.74 -25.99 5.40
CA ILE B 244 3.52 -26.79 4.45
C ILE B 244 3.24 -26.34 3.02
N GLY B 245 1.96 -26.14 2.68
CA GLY B 245 1.60 -25.75 1.33
C GLY B 245 1.98 -24.33 0.97
N GLY B 246 2.13 -23.46 1.96
CA GLY B 246 2.57 -22.10 1.68
C GLY B 246 3.97 -22.02 1.13
N THR B 247 4.79 -23.05 1.35
CA THR B 247 6.17 -23.07 0.87
C THR B 247 6.31 -23.54 -0.57
N ALA B 248 5.25 -24.07 -1.17
CA ALA B 248 5.37 -24.66 -2.51
C ALA B 248 5.52 -23.58 -3.58
N THR B 249 4.91 -22.42 -3.40
CA THR B 249 4.93 -21.35 -4.39
C THR B 249 5.60 -20.12 -3.80
N LEU B 250 6.16 -19.29 -4.69
CA LEU B 250 6.80 -18.06 -4.25
C LEU B 250 5.81 -17.11 -3.60
N THR B 251 4.60 -17.01 -4.17
CA THR B 251 3.57 -16.15 -3.61
C THR B 251 2.76 -16.83 -2.51
N GLY B 252 3.06 -18.10 -2.21
CA GLY B 252 2.32 -18.80 -1.17
C GLY B 252 2.54 -18.19 0.21
N THR B 253 3.75 -17.73 0.48
CA THR B 253 4.06 -17.13 1.78
C THR B 253 5.09 -16.02 1.58
N ALA B 254 5.07 -15.07 2.51
CA ALA B 254 5.97 -13.92 2.41
C ALA B 254 7.46 -14.26 2.46
N PRO B 255 7.94 -15.17 3.31
CA PRO B 255 9.40 -15.43 3.34
C PRO B 255 9.98 -15.86 2.01
N ASN B 256 9.22 -16.57 1.19
CA ASN B 256 9.71 -16.96 -0.12
C ASN B 256 10.09 -15.74 -0.94
N LEU B 257 9.30 -14.67 -0.85
CA LEU B 257 9.62 -13.45 -1.57
C LEU B 257 10.65 -12.59 -0.84
N ILE B 258 10.75 -12.74 0.49
CA ILE B 258 11.89 -12.17 1.21
C ILE B 258 13.19 -12.70 0.62
N LEU B 259 13.23 -14.00 0.31
CA LEU B 259 14.44 -14.58 -0.27
C LEU B 259 14.81 -13.87 -1.57
N LEU B 260 13.84 -13.69 -2.47
CA LEU B 260 14.14 -13.05 -3.75
C LEU B 260 14.55 -11.60 -3.57
N GLY B 261 13.84 -10.86 -2.71
CA GLY B 261 14.17 -9.45 -2.51
C GLY B 261 15.54 -9.26 -1.91
N GLN B 262 15.92 -10.09 -0.95
CA GLN B 262 17.24 -9.95 -0.35
C GLN B 262 18.32 -10.48 -1.28
N LEU B 263 18.00 -11.44 -2.14
CA LEU B 263 18.95 -11.88 -3.16
C LEU B 263 19.24 -10.74 -4.13
N LYS B 264 18.22 -9.96 -4.49
CA LYS B 264 18.44 -8.84 -5.39
C LYS B 264 19.45 -7.82 -4.85
N SER B 265 19.66 -7.80 -3.53
CA SER B 265 20.63 -6.91 -2.93
C SER B 265 21.97 -7.58 -2.66
N PHE B 266 21.96 -8.78 -2.09
CA PHE B 266 23.22 -9.45 -1.77
C PHE B 266 23.92 -9.95 -3.02
N PHE B 267 23.16 -10.57 -3.94
CA PHE B 267 23.72 -11.13 -5.17
C PHE B 267 22.87 -10.66 -6.34
N PRO B 268 23.11 -9.44 -6.82
CA PRO B 268 22.29 -8.90 -7.91
C PRO B 268 22.35 -9.73 -9.18
N GLN B 269 23.44 -10.44 -9.44
CA GLN B 269 23.57 -11.24 -10.65
C GLN B 269 22.87 -12.58 -10.56
N CYS B 270 22.40 -12.97 -9.37
CA CYS B 270 21.67 -14.22 -9.21
C CYS B 270 20.26 -14.06 -9.74
N ASP B 271 19.87 -14.88 -10.72
CA ASP B 271 18.54 -14.80 -11.30
C ASP B 271 17.94 -16.18 -11.57
N VAL B 272 18.52 -17.24 -10.99
CA VAL B 272 18.05 -18.59 -11.29
C VAL B 272 16.79 -18.94 -10.50
N VAL B 273 16.46 -18.19 -9.46
CA VAL B 273 15.29 -18.47 -8.65
C VAL B 273 14.13 -17.61 -9.16
N ASN B 274 13.04 -18.26 -9.56
CA ASN B 274 11.82 -17.59 -9.96
C ASN B 274 10.65 -18.49 -9.61
N PHE B 275 9.48 -18.17 -10.14
CA PHE B 275 8.27 -18.95 -9.81
C PHE B 275 8.41 -20.39 -10.25
N GLY B 276 8.84 -20.61 -11.50
CA GLY B 276 8.90 -21.97 -12.03
C GLY B 276 9.94 -22.83 -11.32
N SER B 277 11.15 -22.28 -11.13
CA SER B 277 12.21 -23.05 -10.49
C SER B 277 11.87 -23.32 -9.03
N TRP B 278 11.35 -22.32 -8.32
CA TRP B 278 10.95 -22.52 -6.94
C TRP B 278 9.84 -23.57 -6.85
N PHE B 279 8.90 -23.54 -7.79
CA PHE B 279 7.83 -24.53 -7.76
C PHE B 279 8.37 -25.94 -7.99
N ILE B 280 9.19 -26.12 -9.03
CA ILE B 280 9.70 -27.46 -9.31
C ILE B 280 10.62 -27.94 -8.21
N PHE B 281 11.20 -27.04 -7.42
CA PHE B 281 11.98 -27.49 -6.27
C PHE B 281 11.10 -27.84 -5.08
N ALA B 282 10.11 -27.00 -4.76
CA ALA B 282 9.42 -27.09 -3.49
C ALA B 282 8.16 -27.96 -3.53
N PHE B 283 7.51 -28.09 -4.68
CA PHE B 283 6.30 -28.90 -4.77
C PHE B 283 6.53 -30.36 -4.41
N PRO B 284 7.54 -31.05 -4.95
CA PRO B 284 7.79 -32.42 -4.47
C PRO B 284 8.16 -32.48 -3.00
N LEU B 285 8.95 -31.50 -2.53
CA LEU B 285 9.26 -31.44 -1.10
C LEU B 285 8.02 -31.20 -0.28
N MET B 286 7.13 -30.33 -0.77
CA MET B 286 5.87 -30.09 -0.07
C MET B 286 5.03 -31.36 -0.01
N LEU B 287 4.99 -32.12 -1.11
CA LEU B 287 4.21 -33.35 -1.13
C LEU B 287 4.76 -34.38 -0.17
N LEU B 288 6.09 -34.53 -0.15
CA LEU B 288 6.71 -35.47 0.79
C LEU B 288 6.46 -35.07 2.24
N PHE B 289 6.59 -33.78 2.54
CA PHE B 289 6.37 -33.32 3.91
C PHE B 289 4.91 -33.46 4.30
N LEU B 290 3.98 -33.21 3.37
CA LEU B 290 2.56 -33.38 3.65
C LEU B 290 2.23 -34.85 3.91
N LEU B 291 2.81 -35.76 3.13
CA LEU B 291 2.57 -37.18 3.36
C LEU B 291 3.12 -37.62 4.70
N ALA B 292 4.33 -37.18 5.05
CA ALA B 292 4.92 -37.53 6.34
C ALA B 292 4.08 -36.97 7.48
N GLY B 293 3.63 -35.73 7.36
CA GLY B 293 2.79 -35.15 8.40
C GLY B 293 1.46 -35.86 8.53
N TRP B 294 0.86 -36.25 7.41
CA TRP B 294 -0.39 -36.99 7.47
C TRP B 294 -0.20 -38.33 8.17
N LEU B 295 0.87 -39.05 7.83
CA LEU B 295 1.14 -40.32 8.50
C LEU B 295 1.36 -40.11 9.99
N TRP B 296 2.13 -39.08 10.36
CA TRP B 296 2.42 -38.82 11.76
C TRP B 296 1.16 -38.46 12.54
N ILE B 297 0.30 -37.61 11.96
CA ILE B 297 -0.92 -37.20 12.65
C ILE B 297 -1.90 -38.38 12.75
N SER B 298 -2.00 -39.19 11.69
CA SER B 298 -2.87 -40.35 11.73
C SER B 298 -2.42 -41.35 12.79
N PHE B 299 -1.10 -41.59 12.89
CA PHE B 299 -0.60 -42.46 13.94
C PHE B 299 -0.83 -41.87 15.32
N LEU B 300 -0.64 -40.56 15.47
CA LEU B 300 -0.77 -39.94 16.78
C LEU B 300 -2.23 -39.84 17.22
N TYR B 301 -3.13 -39.50 16.29
CA TYR B 301 -4.52 -39.21 16.64
C TYR B 301 -5.52 -40.10 15.93
N GLY B 302 -5.31 -40.38 14.64
CA GLY B 302 -6.30 -41.09 13.84
C GLY B 302 -6.30 -42.59 13.98
N GLY B 303 -5.46 -43.15 14.85
CA GLY B 303 -5.41 -44.60 15.02
C GLY B 303 -4.91 -45.35 13.80
N LEU B 304 -3.85 -44.85 13.16
CA LEU B 304 -3.29 -45.50 11.98
C LEU B 304 -2.55 -46.77 12.37
N ASN B 319 -23.26 -45.25 9.41
CA ASN B 319 -24.19 -44.13 9.34
C ASN B 319 -23.45 -42.80 9.49
N ALA B 320 -22.36 -42.82 10.26
CA ALA B 320 -21.56 -41.60 10.44
C ALA B 320 -20.95 -41.14 9.12
N GLU B 321 -20.44 -42.09 8.33
CA GLU B 321 -19.92 -41.75 7.02
C GLU B 321 -21.02 -41.17 6.12
N ASP B 322 -22.21 -41.75 6.19
CA ASP B 322 -23.33 -41.21 5.43
C ASP B 322 -23.65 -39.78 5.85
N ARG B 323 -23.63 -39.50 7.16
CA ARG B 323 -23.89 -38.16 7.64
C ARG B 323 -22.83 -37.17 7.18
N ALA B 324 -21.56 -37.58 7.23
CA ALA B 324 -20.49 -36.70 6.77
C ALA B 324 -20.60 -36.40 5.27
N ARG B 325 -20.89 -37.44 4.48
CA ARG B 325 -21.11 -37.22 3.05
C ARG B 325 -22.29 -36.28 2.83
N ALA B 326 -23.37 -36.48 3.58
CA ALA B 326 -24.55 -35.64 3.43
C ALA B 326 -24.25 -34.19 3.76
N VAL B 327 -23.50 -33.94 4.83
CA VAL B 327 -23.23 -32.55 5.22
C VAL B 327 -22.29 -31.89 4.22
N ILE B 328 -21.28 -32.61 3.73
CA ILE B 328 -20.38 -32.04 2.73
C ILE B 328 -21.15 -31.70 1.46
N ARG B 329 -22.00 -32.63 1.01
CA ARG B 329 -22.77 -32.41 -0.20
C ARG B 329 -23.77 -31.26 -0.02
N GLU B 330 -24.38 -31.17 1.16
CA GLU B 330 -25.31 -30.09 1.44
C GLU B 330 -24.62 -28.73 1.41
N GLU B 331 -23.43 -28.63 2.00
CA GLU B 331 -22.69 -27.37 1.92
C GLU B 331 -22.32 -27.03 0.48
N TYR B 332 -21.90 -28.04 -0.29
CA TYR B 332 -21.51 -27.77 -1.67
C TYR B 332 -22.68 -27.27 -2.50
N GLN B 333 -23.86 -27.86 -2.33
CA GLN B 333 -25.03 -27.31 -3.02
C GLN B 333 -25.49 -26.00 -2.42
N ASN B 334 -25.18 -25.71 -1.16
CA ASN B 334 -25.45 -24.39 -0.62
C ASN B 334 -24.55 -23.34 -1.24
N LEU B 335 -23.41 -23.74 -1.79
CA LEU B 335 -22.64 -22.81 -2.62
C LEU B 335 -23.45 -22.30 -3.80
N GLY B 336 -24.28 -23.16 -4.39
CA GLY B 336 -25.09 -22.79 -5.52
C GLY B 336 -24.49 -23.28 -6.84
N PRO B 337 -25.19 -22.99 -7.94
CA PRO B 337 -24.66 -23.39 -9.25
C PRO B 337 -23.43 -22.57 -9.61
N ILE B 338 -22.59 -23.16 -10.47
CA ILE B 338 -21.38 -22.48 -10.89
C ILE B 338 -21.74 -21.22 -11.67
N LYS B 339 -21.10 -20.11 -11.33
CA LYS B 339 -21.39 -18.82 -11.93
C LYS B 339 -20.36 -18.48 -13.00
N PHE B 340 -20.74 -17.55 -13.89
CA PHE B 340 -19.82 -17.09 -14.91
C PHE B 340 -18.60 -16.41 -14.29
N ALA B 341 -18.82 -15.64 -13.22
CA ALA B 341 -17.71 -14.98 -12.55
C ALA B 341 -16.73 -16.00 -11.97
N GLU B 342 -17.24 -17.08 -11.39
CA GLU B 342 -16.35 -18.11 -10.84
C GLU B 342 -15.53 -18.75 -11.95
N GLN B 343 -16.15 -19.06 -13.08
CA GLN B 343 -15.41 -19.66 -14.19
C GLN B 343 -14.36 -18.71 -14.74
N ALA B 344 -14.71 -17.43 -14.87
CA ALA B 344 -13.75 -16.45 -15.36
C ALA B 344 -12.56 -16.31 -14.40
N VAL B 345 -12.85 -16.27 -13.10
CA VAL B 345 -11.77 -16.15 -12.10
C VAL B 345 -10.89 -17.40 -12.13
N PHE B 346 -11.50 -18.57 -12.29
CA PHE B 346 -10.72 -19.80 -12.36
C PHE B 346 -9.83 -19.84 -13.59
N ILE B 347 -10.35 -19.42 -14.74
CA ILE B 347 -9.55 -19.41 -15.95
C ILE B 347 -8.42 -18.40 -15.83
N LEU B 348 -8.70 -17.23 -15.25
CA LEU B 348 -7.66 -16.24 -15.03
C LEU B 348 -6.59 -16.77 -14.08
N PHE B 349 -7.00 -17.54 -13.07
CA PHE B 349 -6.04 -18.12 -12.13
C PHE B 349 -5.17 -19.18 -12.82
N CYS B 350 -5.78 -19.99 -13.68
CA CYS B 350 -5.00 -20.96 -14.43
C CYS B 350 -4.00 -20.28 -15.34
N MET B 351 -4.42 -19.19 -16.01
CA MET B 351 -3.49 -18.42 -16.83
C MET B 351 -2.38 -17.81 -15.98
N PHE B 352 -2.74 -17.29 -14.81
CA PHE B 352 -1.76 -16.73 -13.88
C PHE B 352 -0.69 -17.75 -13.54
N ALA B 353 -1.11 -18.94 -13.10
CA ALA B 353 -0.16 -19.97 -12.70
C ALA B 353 0.68 -20.45 -13.88
N ILE B 354 0.04 -20.69 -15.03
CA ILE B 354 0.75 -21.24 -16.17
C ILE B 354 1.77 -20.24 -16.70
N LEU B 355 1.38 -18.97 -16.83
CA LEU B 355 2.30 -17.96 -17.34
C LEU B 355 3.42 -17.67 -16.36
N LEU B 356 3.15 -17.71 -15.06
CA LEU B 356 4.22 -17.59 -14.09
C LEU B 356 5.19 -18.76 -14.18
N PHE B 357 4.67 -19.98 -14.37
N PHE B 357 4.67 -19.98 -14.37
CA PHE B 357 5.52 -21.16 -14.40
CA PHE B 357 5.52 -21.16 -14.40
C PHE B 357 6.32 -21.23 -15.70
C PHE B 357 6.32 -21.23 -15.70
N THR B 358 5.72 -20.86 -16.82
CA THR B 358 6.33 -21.04 -18.13
C THR B 358 7.11 -19.83 -18.61
N ARG B 359 7.24 -18.78 -17.81
CA ARG B 359 7.98 -17.60 -18.26
C ARG B 359 9.45 -17.93 -18.49
N ASP B 360 10.08 -18.60 -17.52
CA ASP B 360 11.48 -18.98 -17.62
C ASP B 360 11.77 -20.10 -16.63
N PRO B 361 11.36 -21.34 -16.93
CA PRO B 361 11.52 -22.42 -15.95
C PRO B 361 12.95 -22.94 -15.82
N LYS B 362 13.91 -22.35 -16.55
CA LYS B 362 15.34 -22.64 -16.50
C LYS B 362 15.72 -23.97 -17.14
N PHE B 363 14.75 -24.78 -17.57
CA PHE B 363 15.07 -25.98 -18.34
C PHE B 363 14.14 -26.19 -19.53
N ILE B 364 13.23 -25.27 -19.79
CA ILE B 364 12.56 -25.15 -21.09
C ILE B 364 12.68 -23.68 -21.50
N PRO B 365 12.96 -23.37 -22.76
CA PRO B 365 12.93 -21.96 -23.18
C PRO B 365 11.53 -21.37 -23.06
N GLY B 366 11.35 -20.45 -22.13
CA GLY B 366 10.06 -19.86 -21.88
C GLY B 366 9.71 -18.76 -22.87
N TRP B 367 8.51 -18.22 -22.71
CA TRP B 367 8.05 -17.17 -23.60
C TRP B 367 8.75 -15.84 -23.36
N ALA B 368 9.47 -15.69 -22.26
CA ALA B 368 10.27 -14.48 -22.04
C ALA B 368 11.43 -14.38 -23.02
N SER B 369 11.82 -15.48 -23.64
CA SER B 369 12.89 -15.45 -24.64
C SER B 369 12.46 -14.72 -25.90
N LEU B 370 11.17 -14.53 -26.11
CA LEU B 370 10.66 -13.83 -27.29
C LEU B 370 10.73 -12.31 -27.15
N PHE B 371 11.11 -11.81 -25.98
CA PHE B 371 11.14 -10.38 -25.71
C PHE B 371 12.58 -9.95 -25.40
N ASN B 372 12.72 -8.69 -25.00
CA ASN B 372 14.04 -8.17 -24.65
C ASN B 372 14.56 -8.85 -23.40
N PRO B 373 15.78 -9.42 -23.43
CA PRO B 373 16.32 -10.05 -22.23
C PRO B 373 16.51 -9.05 -21.10
N GLY B 374 16.25 -9.50 -19.87
CA GLY B 374 16.44 -8.68 -18.70
C GLY B 374 15.38 -7.62 -18.47
N PHE B 375 14.25 -7.69 -19.18
CA PHE B 375 13.18 -6.71 -19.04
C PHE B 375 11.95 -7.28 -18.36
N LEU B 376 11.49 -8.45 -18.81
CA LEU B 376 10.31 -9.06 -18.21
C LEU B 376 10.66 -9.75 -16.90
N SER B 377 9.64 -10.00 -16.09
CA SER B 377 9.82 -10.64 -14.80
C SER B 377 8.48 -11.23 -14.37
N ASP B 378 8.49 -11.87 -13.18
CA ASP B 378 7.26 -12.42 -12.62
C ASP B 378 6.27 -11.32 -12.26
N ALA B 379 6.77 -10.15 -11.83
CA ALA B 379 5.88 -9.04 -11.47
C ALA B 379 5.08 -8.56 -12.67
N VAL B 380 5.73 -8.44 -13.82
CA VAL B 380 5.03 -7.96 -15.02
C VAL B 380 3.90 -8.90 -15.37
N THR B 381 4.18 -10.21 -15.38
CA THR B 381 3.16 -11.21 -15.68
C THR B 381 2.01 -11.14 -14.68
N GLY B 382 2.34 -11.08 -13.39
CA GLY B 382 1.30 -11.06 -12.38
C GLY B 382 0.42 -9.83 -12.47
N VAL B 383 1.04 -8.66 -12.64
CA VAL B 383 0.26 -7.41 -12.74
C VAL B 383 -0.60 -7.43 -14.00
N ALA B 384 -0.05 -7.89 -15.12
CA ALA B 384 -0.82 -7.95 -16.36
C ALA B 384 -2.02 -8.86 -16.21
N ILE B 385 -1.85 -10.01 -15.55
CA ILE B 385 -2.97 -10.94 -15.40
C ILE B 385 -4.01 -10.39 -14.45
N VAL B 386 -3.59 -9.82 -13.31
CA VAL B 386 -4.56 -9.34 -12.33
C VAL B 386 -5.23 -8.04 -12.79
N THR B 387 -4.67 -7.36 -13.79
CA THR B 387 -5.35 -6.19 -14.34
C THR B 387 -6.65 -6.58 -15.03
N ILE B 388 -6.72 -7.77 -15.62
CA ILE B 388 -7.92 -8.22 -16.30
C ILE B 388 -9.09 -8.34 -15.32
N LEU B 389 -8.80 -8.64 -14.06
CA LEU B 389 -9.85 -8.80 -13.06
C LEU B 389 -10.63 -7.51 -12.83
N PHE B 390 -10.05 -6.36 -13.14
CA PHE B 390 -10.66 -5.08 -12.82
C PHE B 390 -11.50 -4.52 -13.95
N PHE B 391 -11.57 -5.20 -15.10
CA PHE B 391 -12.48 -4.79 -16.16
C PHE B 391 -13.29 -5.93 -16.77
N PHE B 392 -12.94 -7.17 -16.51
CA PHE B 392 -13.69 -8.29 -17.08
C PHE B 392 -15.06 -8.37 -16.40
N PRO B 393 -16.14 -8.46 -17.17
CA PRO B 393 -17.48 -8.51 -16.56
C PRO B 393 -17.68 -9.77 -15.74
N SER B 394 -18.46 -9.63 -14.66
CA SER B 394 -18.82 -10.74 -13.81
C SER B 394 -20.07 -11.47 -14.26
N GLN B 395 -20.80 -10.93 -15.23
CA GLN B 395 -21.98 -11.55 -15.79
C GLN B 395 -21.70 -12.01 -17.22
N ARG B 396 -22.57 -12.85 -17.74
CA ARG B 396 -22.38 -13.43 -19.07
C ARG B 396 -22.55 -12.37 -20.14
N PRO B 397 -21.55 -12.12 -20.98
CA PRO B 397 -21.77 -11.26 -22.15
C PRO B 397 -22.76 -11.90 -23.11
N SER B 398 -23.54 -11.06 -23.78
CA SER B 398 -24.52 -11.55 -24.74
C SER B 398 -24.70 -10.52 -25.84
N LEU B 399 -24.57 -10.96 -27.10
CA LEU B 399 -24.81 -10.08 -28.22
C LEU B 399 -26.30 -9.78 -28.42
N LYS B 400 -27.18 -10.60 -27.84
CA LYS B 400 -28.61 -10.34 -27.95
C LYS B 400 -29.00 -9.06 -27.23
N TRP B 401 -28.22 -8.65 -26.22
CA TRP B 401 -28.53 -7.42 -25.50
C TRP B 401 -28.36 -6.19 -26.38
N TRP B 402 -27.39 -6.22 -27.30
CA TRP B 402 -27.21 -5.09 -28.22
C TRP B 402 -28.43 -4.91 -29.11
N PHE B 403 -28.96 -6.01 -29.64
CA PHE B 403 -30.12 -5.92 -30.54
C PHE B 403 -31.40 -5.58 -29.78
N ASP B 404 -31.57 -6.12 -28.59
CA ASP B 404 -32.77 -5.90 -27.80
C ASP B 404 -32.68 -4.53 -27.14
N PHE B 405 -33.29 -3.53 -27.79
CA PHE B 405 -33.25 -2.17 -27.27
C PHE B 405 -34.10 -1.99 -26.03
N LYS B 406 -35.01 -2.92 -25.74
CA LYS B 406 -35.87 -2.83 -24.57
C LYS B 406 -35.22 -3.36 -23.30
N ALA B 407 -34.04 -3.98 -23.40
CA ALA B 407 -33.37 -4.49 -22.24
C ALA B 407 -32.83 -3.35 -21.38
N PRO B 408 -32.73 -3.54 -20.06
CA PRO B 408 -32.12 -2.51 -19.21
C PRO B 408 -30.65 -2.33 -19.54
N ASN B 409 -30.17 -1.11 -19.33
CA ASN B 409 -28.79 -0.73 -19.65
C ASN B 409 -27.97 -0.50 -18.38
N THR B 410 -28.17 -1.34 -17.37
CA THR B 410 -27.40 -1.24 -16.15
C THR B 410 -25.93 -1.56 -16.43
N GLU B 411 -25.04 -0.81 -15.78
CA GLU B 411 -23.62 -1.00 -15.97
C GLU B 411 -23.17 -2.33 -15.38
N THR B 412 -22.32 -3.04 -16.12
CA THR B 412 -21.83 -4.34 -15.67
C THR B 412 -20.85 -4.19 -14.53
N GLU B 413 -20.90 -5.14 -13.59
CA GLU B 413 -19.99 -5.15 -12.45
C GLU B 413 -18.77 -6.00 -12.79
N PRO B 414 -17.55 -5.47 -12.64
CA PRO B 414 -16.37 -6.25 -12.98
C PRO B 414 -16.17 -7.42 -12.02
N LEU B 415 -15.19 -8.26 -12.36
CA LEU B 415 -14.89 -9.42 -11.51
C LEU B 415 -14.43 -8.98 -10.13
N LEU B 416 -13.62 -7.94 -10.06
CA LEU B 416 -13.15 -7.40 -8.79
C LEU B 416 -13.07 -5.89 -8.88
N THR B 417 -13.78 -5.21 -7.98
CA THR B 417 -13.63 -3.76 -7.85
C THR B 417 -12.37 -3.44 -7.05
N TRP B 418 -11.86 -2.22 -7.23
CA TRP B 418 -10.67 -1.84 -6.49
C TRP B 418 -10.97 -1.65 -5.01
N LYS B 419 -12.21 -1.30 -4.66
CA LYS B 419 -12.56 -1.14 -3.25
C LYS B 419 -12.39 -2.45 -2.50
N LYS B 420 -12.93 -3.54 -3.07
CA LYS B 420 -12.83 -4.84 -2.41
C LYS B 420 -11.38 -5.30 -2.31
N ALA B 421 -10.61 -5.11 -3.39
CA ALA B 421 -9.20 -5.48 -3.35
C ALA B 421 -8.46 -4.69 -2.28
N GLN B 422 -8.70 -3.38 -2.21
CA GLN B 422 -8.00 -2.55 -1.25
C GLN B 422 -8.35 -2.96 0.18
N GLU B 423 -9.62 -3.26 0.44
CA GLU B 423 -9.99 -3.68 1.79
C GLU B 423 -9.58 -5.13 2.08
N THR B 424 -9.16 -5.90 1.07
CA THR B 424 -8.72 -7.27 1.32
C THR B 424 -7.22 -7.49 1.15
N VAL B 425 -6.49 -6.60 0.50
CA VAL B 425 -5.04 -6.74 0.38
C VAL B 425 -4.39 -6.39 1.71
N PRO B 426 -3.53 -7.25 2.26
CA PRO B 426 -2.80 -6.91 3.49
C PRO B 426 -1.59 -6.02 3.21
N TRP B 427 -1.81 -4.70 3.18
CA TRP B 427 -0.72 -3.76 2.91
C TRP B 427 0.37 -3.82 3.98
N ASN B 428 0.04 -4.29 5.18
CA ASN B 428 1.06 -4.44 6.22
C ASN B 428 2.13 -5.43 5.81
N ILE B 429 1.73 -6.54 5.17
CA ILE B 429 2.71 -7.52 4.73
C ILE B 429 3.58 -6.95 3.61
N ILE B 430 2.98 -6.14 2.73
CA ILE B 430 3.75 -5.48 1.68
C ILE B 430 4.81 -4.57 2.30
N LEU B 431 4.41 -3.77 3.28
CA LEU B 431 5.38 -2.91 3.96
C LEU B 431 6.43 -3.71 4.70
N LEU B 432 6.06 -4.87 5.26
CA LEU B 432 7.03 -5.72 5.95
C LEU B 432 8.06 -6.29 4.98
N LEU B 433 7.61 -6.77 3.82
CA LEU B 433 8.55 -7.24 2.80
C LEU B 433 9.47 -6.11 2.36
N GLY B 434 8.91 -4.91 2.20
CA GLY B 434 9.74 -3.77 1.82
C GLY B 434 10.77 -3.41 2.87
N GLY B 435 10.38 -3.46 4.14
CA GLY B 435 11.33 -3.24 5.21
C GLY B 435 12.45 -4.26 5.20
N GLY B 436 12.10 -5.52 4.94
CA GLY B 436 13.13 -6.54 4.81
C GLY B 436 14.10 -6.26 3.67
N PHE B 437 13.55 -5.87 2.50
CA PHE B 437 14.41 -5.57 1.36
C PHE B 437 15.32 -4.38 1.65
N ALA B 438 14.77 -3.34 2.27
CA ALA B 438 15.57 -2.15 2.58
C ALA B 438 16.63 -2.46 3.63
N MET B 439 16.31 -3.31 4.60
CA MET B 439 17.30 -3.70 5.60
C MET B 439 18.43 -4.50 4.96
N ALA B 440 18.08 -5.37 4.01
CA ALA B 440 19.13 -6.10 3.28
C ALA B 440 20.01 -5.14 2.49
N LYS B 441 19.41 -4.15 1.84
CA LYS B 441 20.20 -3.18 1.10
C LYS B 441 21.11 -2.38 2.02
N GLY B 442 20.60 -1.97 3.19
CA GLY B 442 21.42 -1.26 4.15
C GLY B 442 22.56 -2.10 4.68
N CYS B 443 22.30 -3.39 4.92
CA CYS B 443 23.36 -4.29 5.37
C CYS B 443 24.44 -4.44 4.30
N GLU B 444 24.03 -4.53 3.03
CA GLU B 444 25.01 -4.66 1.95
C GLU B 444 25.81 -3.38 1.77
N GLU B 445 25.16 -2.22 1.80
CA GLU B 445 25.83 -0.97 1.49
C GLU B 445 26.77 -0.55 2.62
N SER B 446 26.37 -0.78 3.87
CA SER B 446 27.16 -0.33 5.01
C SER B 446 28.44 -1.13 5.21
N GLY B 447 28.61 -2.23 4.48
CA GLY B 447 29.74 -3.11 4.71
C GLY B 447 29.57 -4.05 5.88
N LEU B 448 28.38 -4.11 6.47
CA LEU B 448 28.14 -5.02 7.58
C LEU B 448 28.22 -6.48 7.15
N SER B 449 27.88 -6.77 5.90
CA SER B 449 27.98 -8.14 5.40
C SER B 449 29.44 -8.61 5.43
N VAL B 450 30.38 -7.76 5.04
CA VAL B 450 31.79 -8.12 5.09
C VAL B 450 32.22 -8.38 6.52
N TRP B 451 31.76 -7.55 7.46
CA TRP B 451 32.10 -7.74 8.86
C TRP B 451 31.54 -9.06 9.39
N ILE B 452 30.30 -9.39 9.01
CA ILE B 452 29.71 -10.66 9.44
C ILE B 452 30.49 -11.84 8.85
N GLY B 453 30.88 -11.73 7.58
CA GLY B 453 31.70 -12.78 6.98
C GLY B 453 33.03 -12.94 7.70
N GLY B 454 33.64 -11.83 8.12
CA GLY B 454 34.87 -11.92 8.89
C GLY B 454 34.66 -12.56 10.25
N GLN B 455 33.54 -12.24 10.90
CA GLN B 455 33.23 -12.84 12.20
C GLN B 455 32.84 -14.31 12.09
N LEU B 456 32.66 -14.88 10.91
CA LEU B 456 32.18 -16.28 10.77
C LEU B 456 33.40 -17.12 10.50
N HIS B 457 34.53 -16.54 10.86
CA HIS B 457 35.78 -17.28 10.69
C HIS B 457 35.73 -18.68 11.28
N PRO B 458 35.31 -18.89 12.54
CA PRO B 458 35.44 -20.24 13.12
C PRO B 458 34.58 -21.31 12.45
N LEU B 459 33.54 -20.93 11.73
CA LEU B 459 32.61 -21.88 11.14
C LEU B 459 32.98 -22.28 9.72
N GLU B 460 34.14 -21.83 9.23
CA GLU B 460 34.53 -22.13 7.85
C GLU B 460 34.89 -23.59 7.64
N ASN B 461 35.12 -24.37 8.70
CA ASN B 461 35.50 -25.76 8.56
C ASN B 461 34.31 -26.72 8.63
N VAL B 462 33.11 -26.21 8.85
CA VAL B 462 31.93 -27.09 8.94
C VAL B 462 31.60 -27.63 7.55
N PRO B 463 31.33 -28.92 7.41
CA PRO B 463 30.91 -29.46 6.11
C PRO B 463 29.63 -28.81 5.62
N PRO B 464 29.51 -28.58 4.32
CA PRO B 464 28.32 -27.85 3.81
C PRO B 464 26.99 -28.52 4.14
N ALA B 465 26.92 -29.85 4.07
CA ALA B 465 25.68 -30.55 4.39
C ALA B 465 25.35 -30.42 5.87
N LEU B 466 26.36 -30.57 6.74
CA LEU B 466 26.15 -30.37 8.15
C LEU B 466 25.76 -28.92 8.45
N ALA B 467 26.35 -27.97 7.73
CA ALA B 467 25.98 -26.57 7.90
C ALA B 467 24.52 -26.35 7.52
N VAL B 468 24.07 -26.97 6.42
CA VAL B 468 22.66 -26.87 6.02
C VAL B 468 21.76 -27.43 7.12
N LEU B 469 22.13 -28.60 7.65
CA LEU B 469 21.33 -29.23 8.68
C LEU B 469 21.23 -28.35 9.92
N LEU B 470 22.36 -27.78 10.35
CA LEU B 470 22.38 -26.96 11.55
C LEU B 470 21.59 -25.66 11.37
N ILE B 471 21.78 -24.99 10.24
CA ILE B 471 21.05 -23.73 10.03
C ILE B 471 19.57 -24.00 9.91
N THR B 472 19.18 -25.11 9.27
CA THR B 472 17.78 -25.45 9.16
C THR B 472 17.17 -25.73 10.53
N VAL B 473 17.89 -26.48 11.37
CA VAL B 473 17.38 -26.77 12.72
C VAL B 473 17.24 -25.48 13.52
N VAL B 474 18.26 -24.62 13.47
CA VAL B 474 18.24 -23.39 14.23
C VAL B 474 17.08 -22.50 13.79
N ILE B 475 16.89 -22.36 12.48
CA ILE B 475 15.83 -21.49 11.98
C ILE B 475 14.45 -22.08 12.26
N ALA B 476 14.31 -23.40 12.11
CA ALA B 476 13.02 -24.04 12.35
C ALA B 476 12.63 -23.97 13.82
N PHE B 477 13.60 -23.95 14.73
CA PHE B 477 13.27 -23.76 16.13
C PHE B 477 13.12 -22.29 16.53
N PHE B 478 13.82 -21.39 15.84
CA PHE B 478 13.66 -19.96 16.10
C PHE B 478 12.29 -19.48 15.66
N THR B 479 11.79 -19.99 14.53
CA THR B 479 10.50 -19.54 14.00
C THR B 479 9.33 -19.99 14.88
N GLU B 480 9.55 -20.88 15.84
CA GLU B 480 8.48 -21.29 16.74
C GLU B 480 8.06 -20.17 17.68
N PHE B 481 8.88 -19.14 17.84
CA PHE B 481 8.60 -18.05 18.76
C PHE B 481 8.37 -16.71 18.09
N ALA B 482 8.86 -16.51 16.87
CA ALA B 482 8.77 -15.24 16.17
C ALA B 482 8.07 -15.43 14.84
N SER B 483 7.83 -14.31 14.16
CA SER B 483 7.22 -14.33 12.84
C SER B 483 8.15 -14.99 11.83
N ASN B 484 7.56 -15.72 10.89
CA ASN B 484 8.35 -16.37 9.84
C ASN B 484 9.08 -15.33 8.99
N THR B 485 8.37 -14.27 8.60
CA THR B 485 8.97 -13.23 7.78
C THR B 485 10.11 -12.53 8.51
N ALA B 486 9.88 -12.18 9.78
CA ALA B 486 10.94 -11.55 10.56
C ALA B 486 12.12 -12.48 10.74
N THR B 487 11.85 -13.77 10.99
CA THR B 487 12.93 -14.74 11.16
C THR B 487 13.80 -14.82 9.92
N ILE B 488 13.17 -14.95 8.74
CA ILE B 488 13.96 -15.08 7.52
C ILE B 488 14.67 -13.77 7.19
N ILE B 489 14.03 -12.63 7.47
CA ILE B 489 14.68 -11.34 7.22
C ILE B 489 15.94 -11.22 8.06
N ILE B 490 15.88 -11.61 9.33
CA ILE B 490 17.05 -11.49 10.19
C ILE B 490 18.12 -12.51 9.80
N PHE B 491 17.72 -13.73 9.44
CA PHE B 491 18.69 -14.80 9.26
C PHE B 491 19.33 -14.83 7.87
N LEU B 492 18.68 -14.26 6.85
CA LEU B 492 19.17 -14.42 5.48
C LEU B 492 20.56 -13.84 5.25
N PRO B 493 20.89 -12.61 5.67
CA PRO B 493 22.26 -12.11 5.44
C PRO B 493 23.33 -12.99 6.08
N VAL B 494 23.06 -13.53 7.26
CA VAL B 494 24.02 -14.43 7.90
C VAL B 494 24.19 -15.69 7.07
N LEU B 495 23.10 -16.22 6.52
CA LEU B 495 23.20 -17.40 5.67
C LEU B 495 24.01 -17.12 4.42
N ALA B 496 23.80 -15.96 3.80
CA ALA B 496 24.57 -15.61 2.61
C ALA B 496 26.05 -15.48 2.93
N GLU B 497 26.38 -14.82 4.04
CA GLU B 497 27.79 -14.67 4.40
C GLU B 497 28.42 -16.00 4.76
N LEU B 498 27.68 -16.87 5.43
CA LEU B 498 28.19 -18.20 5.76
C LEU B 498 28.44 -19.03 4.51
N ALA B 499 27.54 -18.94 3.53
CA ALA B 499 27.75 -19.63 2.27
C ALA B 499 28.97 -19.09 1.54
N ILE B 500 29.18 -17.77 1.59
CA ILE B 500 30.38 -17.20 1.00
C ILE B 500 31.63 -17.73 1.69
N ARG B 501 31.60 -17.80 3.03
CA ARG B 501 32.75 -18.27 3.78
C ARG B 501 33.00 -19.75 3.56
N LEU B 502 31.94 -20.54 3.36
CA LEU B 502 32.08 -21.98 3.16
C LEU B 502 32.41 -22.36 1.73
N ARG B 503 32.53 -21.38 0.83
CA ARG B 503 32.84 -21.62 -0.58
C ARG B 503 31.80 -22.53 -1.22
N VAL B 504 30.54 -22.33 -0.86
CA VAL B 504 29.43 -23.07 -1.45
C VAL B 504 28.44 -22.07 -2.04
N HIS B 505 27.55 -22.58 -2.88
CA HIS B 505 26.56 -21.74 -3.53
C HIS B 505 25.71 -21.03 -2.49
N PRO B 506 25.51 -19.71 -2.61
CA PRO B 506 24.70 -19.00 -1.61
C PRO B 506 23.30 -19.56 -1.46
N LEU B 507 22.69 -20.04 -2.55
CA LEU B 507 21.36 -20.61 -2.47
C LEU B 507 21.35 -21.88 -1.64
N TYR B 508 22.46 -22.64 -1.65
CA TYR B 508 22.53 -23.89 -0.91
C TYR B 508 22.27 -23.68 0.58
N LEU B 509 22.57 -22.49 1.10
CA LEU B 509 22.23 -22.14 2.48
C LEU B 509 20.99 -21.27 2.59
N MET B 510 20.74 -20.41 1.60
CA MET B 510 19.65 -19.44 1.71
C MET B 510 18.28 -20.10 1.51
N ILE B 511 18.17 -21.04 0.56
CA ILE B 511 16.90 -21.73 0.35
C ILE B 511 16.46 -22.55 1.55
N PRO B 512 17.34 -23.37 2.18
CA PRO B 512 16.89 -24.11 3.36
C PRO B 512 16.40 -23.20 4.48
N GLY B 513 17.03 -22.05 4.69
CA GLY B 513 16.54 -21.14 5.72
C GLY B 513 15.17 -20.58 5.39
N THR B 514 14.96 -20.21 4.13
CA THR B 514 13.66 -19.70 3.71
C THR B 514 12.57 -20.75 3.87
N VAL B 515 12.87 -22.00 3.53
CA VAL B 515 11.86 -23.05 3.68
C VAL B 515 11.62 -23.36 5.16
N GLY B 516 12.68 -23.43 5.95
CA GLY B 516 12.55 -23.82 7.35
C GLY B 516 11.98 -22.76 8.26
N CYS B 517 12.04 -21.48 7.86
CA CYS B 517 11.41 -20.45 8.68
C CYS B 517 9.89 -20.57 8.67
N SER B 518 9.32 -21.34 7.75
CA SER B 518 7.90 -21.64 7.74
C SER B 518 7.57 -22.89 8.54
N PHE B 519 8.56 -23.55 9.14
CA PHE B 519 8.34 -24.75 9.93
C PHE B 519 7.94 -24.35 11.35
N ALA B 520 6.76 -23.74 11.45
CA ALA B 520 6.21 -23.25 12.71
C ALA B 520 5.04 -24.15 13.08
N PHE B 521 5.28 -25.09 14.00
CA PHE B 521 4.29 -26.11 14.34
C PHE B 521 4.01 -26.26 15.82
N MET B 522 4.80 -25.67 16.71
CA MET B 522 4.73 -26.03 18.12
C MET B 522 3.78 -25.17 18.94
N LEU B 523 3.68 -23.88 18.62
CA LEU B 523 2.95 -22.98 19.48
C LEU B 523 1.93 -22.18 18.69
N PRO B 524 0.84 -21.75 19.35
CA PRO B 524 -0.09 -20.82 18.69
C PRO B 524 0.57 -19.51 18.29
N VAL B 525 1.57 -19.06 19.04
CA VAL B 525 2.25 -17.82 18.72
C VAL B 525 3.17 -17.97 17.51
N SER B 526 3.49 -19.21 17.13
CA SER B 526 4.43 -19.44 16.03
C SER B 526 3.90 -18.85 14.73
N THR B 527 2.69 -19.21 14.35
CA THR B 527 2.09 -18.72 13.11
C THR B 527 0.60 -18.48 13.34
N PRO B 528 0.01 -17.53 12.63
CA PRO B 528 -1.42 -17.21 12.84
C PRO B 528 -2.33 -18.40 12.63
N PRO B 529 -2.08 -19.30 11.66
CA PRO B 529 -2.93 -20.50 11.56
C PRO B 529 -2.95 -21.32 12.84
N ASN B 530 -1.82 -21.41 13.54
CA ASN B 530 -1.80 -22.11 14.82
C ASN B 530 -2.71 -21.42 15.83
N SER B 531 -2.71 -20.08 15.82
CA SER B 531 -3.60 -19.33 16.71
C SER B 531 -5.06 -19.61 16.38
N ILE B 532 -5.40 -19.63 15.09
CA ILE B 532 -6.79 -19.91 14.70
C ILE B 532 -7.21 -21.31 15.15
N ALA B 533 -6.32 -22.29 14.97
CA ALA B 533 -6.64 -23.64 15.44
C ALA B 533 -6.79 -23.69 16.95
N PHE B 534 -5.91 -23.01 17.68
CA PHE B 534 -5.98 -23.02 19.14
C PHE B 534 -7.23 -22.31 19.65
N ALA B 535 -7.75 -21.35 18.87
CA ALA B 535 -8.97 -20.66 19.28
C ALA B 535 -10.19 -21.58 19.30
N SER B 536 -10.10 -22.75 18.66
CA SER B 536 -11.22 -23.69 18.66
C SER B 536 -11.49 -24.25 20.06
N GLY B 537 -10.44 -24.39 20.87
CA GLY B 537 -10.59 -24.89 22.23
C GLY B 537 -10.45 -26.38 22.40
N HIS B 538 -10.37 -27.15 21.31
CA HIS B 538 -10.19 -28.59 21.41
C HIS B 538 -8.72 -29.02 21.42
N LEU B 539 -7.80 -28.09 21.21
CA LEU B 539 -6.37 -28.40 21.15
C LEU B 539 -5.68 -27.84 22.39
N LEU B 540 -4.84 -28.66 23.01
CA LEU B 540 -3.99 -28.22 24.10
C LEU B 540 -2.62 -27.81 23.56
N VAL B 541 -1.90 -27.03 24.36
CA VAL B 541 -0.56 -26.60 23.97
C VAL B 541 0.37 -27.80 23.90
N LYS B 542 0.24 -28.73 24.84
CA LYS B 542 1.12 -29.90 24.87
C LYS B 542 0.94 -30.76 23.62
N ASP B 543 -0.29 -30.93 23.15
CA ASP B 543 -0.53 -31.71 21.94
C ASP B 543 0.16 -31.09 20.74
N MET B 544 0.00 -29.77 20.59
CA MET B 544 0.62 -29.08 19.47
C MET B 544 2.14 -29.14 19.56
N VAL B 545 2.69 -29.04 20.78
CA VAL B 545 4.14 -29.08 20.95
C VAL B 545 4.68 -30.47 20.60
N ARG B 546 4.00 -31.52 21.07
CA ARG B 546 4.51 -32.87 20.82
C ARG B 546 4.33 -33.28 19.37
N THR B 547 3.34 -32.73 18.67
CA THR B 547 3.25 -32.95 17.24
C THR B 547 4.32 -32.15 16.50
N GLY B 548 4.55 -30.91 16.92
CA GLY B 548 5.49 -30.04 16.24
C GLY B 548 6.93 -30.48 16.38
N LEU B 549 7.28 -31.17 17.46
CA LEU B 549 8.62 -31.74 17.57
C LEU B 549 8.95 -32.60 16.35
N LEU B 550 8.18 -33.67 16.15
CA LEU B 550 8.44 -34.55 15.02
C LEU B 550 8.17 -33.87 13.69
N MET B 551 7.22 -32.93 13.65
CA MET B 551 6.97 -32.20 12.41
C MET B 551 8.21 -31.41 12.00
N ASN B 552 8.83 -30.72 12.95
CA ASN B 552 10.04 -29.97 12.67
C ASN B 552 11.18 -30.89 12.26
N LEU B 553 11.34 -32.02 12.95
CA LEU B 553 12.43 -32.93 12.62
C LEU B 553 12.27 -33.51 11.22
N MET B 554 11.05 -33.95 10.88
CA MET B 554 10.82 -34.49 9.55
C MET B 554 10.99 -33.41 8.48
N GLY B 555 10.53 -32.20 8.76
CA GLY B 555 10.72 -31.12 7.79
C GLY B 555 12.19 -30.83 7.55
N VAL B 556 12.98 -30.79 8.62
CA VAL B 556 14.42 -30.53 8.49
C VAL B 556 15.08 -31.63 7.68
N LEU B 557 14.76 -32.89 7.99
CA LEU B 557 15.38 -34.01 7.26
C LEU B 557 14.99 -34.00 5.79
N LEU B 558 13.71 -33.76 5.49
CA LEU B 558 13.27 -33.74 4.10
C LEU B 558 13.86 -32.55 3.36
N LEU B 559 14.01 -31.41 4.04
CA LEU B 559 14.65 -30.25 3.41
C LEU B 559 16.11 -30.54 3.09
N SER B 560 16.83 -31.22 3.99
CA SER B 560 18.20 -31.60 3.69
C SER B 560 18.26 -32.54 2.50
N LEU B 561 17.36 -33.52 2.46
CA LEU B 561 17.30 -34.44 1.33
C LEU B 561 17.07 -33.69 0.02
N ALA B 562 16.09 -32.78 0.03
CA ALA B 562 15.77 -32.01 -1.17
C ALA B 562 16.95 -31.15 -1.61
N MET B 563 17.62 -30.50 -0.65
CA MET B 563 18.72 -29.60 -0.99
C MET B 563 19.94 -30.37 -1.49
N ASN B 564 20.12 -31.61 -1.04
CA ASN B 564 21.27 -32.39 -1.44
C ASN B 564 21.00 -33.32 -2.62
N THR B 565 19.76 -33.45 -3.08
CA THR B 565 19.46 -34.38 -4.15
C THR B 565 19.01 -33.70 -5.44
N TRP B 566 17.92 -32.91 -5.42
CA TRP B 566 17.38 -32.36 -6.65
C TRP B 566 17.40 -30.84 -6.71
N ALA B 567 17.64 -30.14 -5.60
CA ALA B 567 17.90 -28.71 -5.69
C ALA B 567 19.22 -28.44 -6.39
N GLN B 568 20.16 -29.39 -6.32
CA GLN B 568 21.45 -29.23 -6.99
C GLN B 568 21.28 -29.12 -8.49
N THR B 569 20.41 -29.94 -9.07
CA THR B 569 20.19 -29.88 -10.51
C THR B 569 19.36 -28.66 -10.89
N ILE B 570 18.35 -28.33 -10.09
CA ILE B 570 17.44 -27.24 -10.44
C ILE B 570 18.16 -25.89 -10.39
N PHE B 571 18.90 -25.64 -9.31
CA PHE B 571 19.53 -24.34 -9.10
C PHE B 571 21.02 -24.34 -9.41
N GLN B 572 21.56 -25.44 -9.94
CA GLN B 572 22.98 -25.53 -10.31
C GLN B 572 23.88 -25.22 -9.12
N LEU B 573 23.61 -25.87 -7.99
CA LEU B 573 24.32 -25.62 -6.75
C LEU B 573 25.63 -26.39 -6.63
N GLY B 574 25.96 -27.23 -7.61
CA GLY B 574 27.16 -28.04 -7.50
C GLY B 574 28.43 -27.23 -7.51
N THR B 575 28.46 -26.15 -8.30
CA THR B 575 29.65 -25.34 -8.48
C THR B 575 29.47 -23.97 -7.84
N PHE B 576 30.55 -23.43 -7.30
CA PHE B 576 30.53 -22.10 -6.73
C PHE B 576 30.36 -21.07 -7.85
N PRO B 577 29.31 -20.27 -7.83
CA PRO B 577 29.09 -19.32 -8.93
C PRO B 577 30.10 -18.19 -8.92
N ASP B 578 30.31 -17.62 -10.12
CA ASP B 578 31.25 -16.51 -10.25
C ASP B 578 30.76 -15.27 -9.52
N TRP B 579 29.46 -15.00 -9.57
CA TRP B 579 28.93 -13.79 -8.93
C TRP B 579 29.00 -13.86 -7.41
N ALA B 580 29.18 -15.04 -6.84
CA ALA B 580 29.35 -15.17 -5.40
C ALA B 580 30.80 -14.95 -4.96
N ASP B 581 31.74 -14.86 -5.89
CA ASP B 581 33.14 -14.67 -5.55
C ASP B 581 33.54 -13.20 -5.69
NA NA C . -6.26 18.49 1.29
NA NA D . -10.30 17.87 -11.57
C10 XKC E . -9.46 9.77 -6.25
C10 XKC E . -5.73 12.14 0.34
C13 XKC E . -10.03 10.68 -4.19
C13 XKC E . -7.01 11.42 -1.45
C15 XKC E . -8.27 16.17 -4.45
C15 XKC E . -8.84 15.67 -4.67
C02 XKC E . -7.50 10.60 -7.61
C02 XKC E . -4.15 14.10 0.21
C04 XKC E . -12.18 10.22 -3.35
C04 XKC E . -8.83 10.02 -0.99
C05 XKC E . -8.75 12.60 -3.15
C05 XKC E . -6.95 12.54 -3.72
C06 XKC E . -9.17 14.01 -3.58
C06 XKC E . -8.21 13.38 -3.89
C07 XKC E . -8.00 15.00 -3.51
C07 XKC E . -7.96 14.88 -3.71
C08 XKC E . -7.87 15.50 -2.07
C08 XKC E . -8.29 15.27 -2.27
C11 XKC E . -8.16 11.57 -5.38
C11 XKC E . -5.57 13.28 -1.73
C12 XKC E . -8.39 10.65 -6.38
C12 XKC E . -5.17 13.15 -0.40
C14 XKC E . -8.99 11.59 -4.27
C14 XKC E . -6.51 12.41 -2.27
C16 XKC E . -8.24 15.76 -5.92
C16 XKC E . -8.37 15.58 -6.11
N01 XKC E . -10.23 9.82 -5.17
N01 XKC E . -6.62 11.32 -0.20
O03 XKC E . -10.89 10.69 -3.09
O03 XKC E . -7.95 10.52 -1.96
O09 XKC E . -6.82 14.36 -3.89
O09 XKC E . -6.61 15.17 -3.98
O17 XKC E . -9.21 16.03 -6.68
O17 XKC E . -9.18 15.78 -7.06
O18 XKC E . -7.24 15.14 -6.38
O18 XKC E . -7.18 15.29 -6.38
O19 XKC E . -6.81 16.07 -1.69
O19 XKC E . -7.42 15.85 -1.56
O20 XKC E . -8.83 15.34 -1.28
O20 XKC E . -9.42 15.03 -1.80
C01 C14 F . -5.82 -3.52 -21.90
C02 C14 F . -4.85 -2.41 -21.59
C03 C14 F . -3.48 -2.61 -22.20
C04 C14 F . -3.46 -2.73 -23.70
C05 C14 F . -2.08 -2.83 -24.31
C06 C14 F . -2.07 -2.88 -25.81
C07 C14 F . -0.69 -2.79 -26.42
C08 C14 F . -0.67 -2.69 -27.92
C09 C14 F . 0.68 -2.32 -28.50
C10 C14 F . 0.65 -2.04 -29.99
C11 C14 F . 1.90 -1.39 -30.52
C12 C14 F . 3.13 -2.28 -30.46
C13 C14 F . 3.05 -3.50 -31.34
C14 C14 F . 4.31 -4.33 -31.35
C01 C14 G . -0.86 -7.90 -21.17
C02 C14 G . -0.59 -7.08 -22.41
C03 C14 G . 0.81 -7.23 -22.95
C04 C14 G . 1.08 -6.42 -24.19
C05 C14 G . 2.49 -6.53 -24.72
C06 C14 G . 2.75 -5.68 -25.94
C07 C14 G . 4.18 -5.72 -26.43
C08 C14 G . 4.44 -4.83 -27.61
C09 C14 G . 5.88 -4.82 -28.08
C10 C14 G . 6.42 -6.16 -28.50
C11 C14 G . 7.80 -6.12 -29.08
C12 C14 G . 8.85 -5.53 -28.15
C13 C14 G . 10.24 -5.50 -28.72
C14 C14 G . 10.36 -4.70 -29.99
P 3PE H . 5.14 14.11 -36.58
N 3PE H . 8.25 14.19 -36.92
O11 3PE H . 4.01 14.33 -35.47
O12 3PE H . 4.49 13.51 -37.80
O13 3PE H . 5.60 15.61 -36.93
O14 3PE H . 6.28 13.39 -35.92
C11 3PE H . 6.67 15.84 -37.90
C12 3PE H . 8.02 15.61 -37.28
C1 3PE H . 3.33 13.18 -34.89
C2 3PE H . 2.52 13.57 -33.68
C3 3PE H . 2.14 12.39 -32.81
O31 3PE H . 1.76 12.85 -31.49
O32 3PE H . -0.13 13.77 -32.28
C31 3PE H . 0.55 13.41 -31.35
C32 3PE H . 0.16 13.47 -29.92
C33 3PE H . -1.24 12.98 -29.66
C34 3PE H . -2.26 14.10 -29.70
C35 3PE H . -2.15 15.06 -28.53
C36 3PE H . -2.29 14.39 -27.18
C37 3PE H . -3.65 13.79 -26.95
C38 3PE H . -4.73 14.80 -26.65
C39 3PE H . -4.58 15.48 -25.32
C3A 3PE H . -4.81 14.57 -24.14
C3B 3PE H . -6.23 14.11 -23.99
C3C 3PE H . -6.48 13.16 -22.84
C3D 3PE H . -7.93 12.98 -22.50
C3E 3PE H . -8.78 12.39 -23.61
C3F 3PE H . -10.26 12.44 -23.33
C3G 3PE H . -11.11 11.78 -24.39
C3H 3PE H . -12.59 12.02 -24.22
C3I 3PE H . -13.14 11.61 -22.87
O21 3PE H . 3.23 14.60 -32.91
O22 3PE H . 2.01 16.22 -33.84
C21 3PE H . 2.98 15.88 -33.21
C22 3PE H . 4.03 16.84 -32.72
C23 3PE H . 3.58 17.68 -31.56
C24 3PE H . 3.49 16.87 -30.28
C25 3PE H . 3.05 17.67 -29.08
C26 3PE H . 3.01 16.89 -27.79
C27 3PE H . 2.22 15.60 -27.89
C28 3PE H . 2.09 14.84 -26.60
C29 3PE H . 1.32 15.58 -25.53
C2A 3PE H . 1.13 14.80 -24.25
C2B 3PE H . 2.41 14.33 -23.61
C2C 3PE H . 2.22 13.65 -22.28
C1 CLR I . -2.06 11.33 -38.76
C2 CLR I . -1.24 12.47 -39.36
C3 CLR I . 0.19 12.06 -39.57
C4 CLR I . 0.83 11.70 -38.25
C5 CLR I . -0.19 11.53 -37.13
C6 CLR I . 0.03 12.07 -35.95
C7 CLR I . -0.82 11.85 -34.73
C8 CLR I . -1.84 10.73 -34.93
C9 CLR I . -2.49 10.87 -36.32
C10 CLR I . -1.44 10.74 -37.47
C11 CLR I . -3.68 9.91 -36.49
C12 CLR I . -4.70 10.01 -35.35
C13 CLR I . -4.04 9.75 -34.00
C14 CLR I . -2.91 10.79 -33.85
C15 CLR I . -2.50 10.72 -32.38
C16 CLR I . -3.78 10.30 -31.64
C17 CLR I . -4.87 10.08 -32.72
C18 CLR I . -3.49 8.31 -33.92
C19 CLR I . -1.04 9.27 -37.71
C20 CLR I . -5.99 9.12 -32.25
C21 CLR I . -7.25 9.19 -33.10
C22 CLR I . -6.31 9.34 -30.77
C23 CLR I . -7.12 10.58 -30.45
C24 CLR I . -7.48 10.71 -28.98
C25 CLR I . -8.61 9.81 -28.46
C26 CLR I . -8.10 8.44 -28.03
C27 CLR I . -9.38 10.48 -27.35
O1 CLR I . 0.23 10.93 -40.45
C1 CLR J . 6.00 41.14 -16.90
C2 CLR J . 7.48 41.27 -17.29
C3 CLR J . 8.21 42.23 -16.38
C4 CLR J . 8.04 41.83 -14.93
C5 CLR J . 6.60 41.64 -14.54
C6 CLR J . 6.10 42.26 -13.49
C7 CLR J . 4.73 42.05 -12.92
C8 CLR J . 3.98 40.89 -13.58
C9 CLR J . 4.26 40.86 -15.09
C10 CLR J . 5.76 40.72 -15.43
C11 CLR J . 3.39 39.83 -15.81
C12 CLR J . 1.90 39.95 -15.49
C13 CLR J . 1.62 39.91 -13.98
C14 CLR J . 2.49 41.03 -13.35
C15 CLR J . 1.96 41.15 -11.92
C16 CLR J . 0.45 40.93 -12.08
C17 CLR J . 0.21 40.36 -13.51
C18 CLR J . 1.96 38.54 -13.40
C19 CLR J . 6.27 39.28 -15.22
C20 CLR J . -0.96 39.36 -13.53
C21 CLR J . -1.20 38.75 -14.91
C22 CLR J . -2.24 40.03 -13.01
C23 CLR J . -2.82 39.42 -11.76
C24 CLR J . -2.91 40.39 -10.61
C25 CLR J . -4.12 40.20 -9.70
C26 CLR J . -3.97 41.00 -8.41
C27 CLR J . -4.35 38.74 -9.38
O1 CLR J . 9.60 42.23 -16.72
C1 CLR K . 18.74 26.62 14.08
C2 CLR K . 19.99 26.80 13.22
C3 CLR K . 21.10 25.88 13.67
C4 CLR K . 20.62 24.43 13.62
C5 CLR K . 19.36 24.24 14.42
C6 CLR K . 19.30 23.30 15.36
C7 CLR K . 18.07 22.95 16.15
C8 CLR K . 16.81 23.60 15.58
C9 CLR K . 17.09 25.05 15.19
C10 CLR K . 18.19 25.17 14.09
C11 CLR K . 15.80 25.78 14.79
C12 CLR K . 14.70 25.69 15.86
C13 CLR K . 14.36 24.23 16.21
C14 CLR K . 15.69 23.58 16.63
C15 CLR K . 15.27 22.24 17.23
C16 CLR K . 13.95 22.56 17.93
C17 CLR K . 13.54 24.00 17.51
C18 CLR K . 13.72 23.52 15.01
C19 CLR K . 17.66 24.79 12.70
C20 CLR K . 12.01 24.20 17.54
C21 CLR K . 11.55 25.51 16.90
C22 CLR K . 11.50 24.17 19.00
C23 CLR K . 11.01 22.84 19.53
C24 CLR K . 9.68 22.40 18.96
C25 CLR K . 9.73 21.57 17.68
C26 CLR K . 8.35 21.12 17.26
C27 CLR K . 10.66 20.37 17.82
O1 CLR K . 22.25 26.04 12.83
P 3PE L . -11.75 25.17 25.15
N 3PE L . -14.49 26.66 27.27
O11 3PE L . -11.37 25.77 23.71
O12 3PE L . -11.25 23.75 25.26
O13 3PE L . -13.35 25.12 25.10
O14 3PE L . -11.31 26.18 26.17
C11 3PE L . -14.10 24.49 26.18
C12 3PE L . -13.97 25.29 27.44
C1 3PE L . -9.98 26.09 23.39
C2 3PE L . -9.14 24.84 23.26
C3 3PE L . -9.67 23.86 22.24
O31 3PE L . -8.59 22.95 21.90
O32 3PE L . -8.47 23.63 19.77
C31 3PE L . -7.94 23.22 20.77
C32 3PE L . -6.46 23.03 20.94
C33 3PE L . -5.91 21.86 20.19
C34 3PE L . -6.33 20.52 20.78
C35 3PE L . -5.38 19.93 21.80
C36 3PE L . -5.39 20.58 23.16
C37 3PE L . -4.33 21.63 23.39
C38 3PE L . -2.90 21.12 23.28
C39 3PE L . -1.88 22.00 23.95
C3A 3PE L . -1.84 23.42 23.46
C3B 3PE L . -0.82 23.69 22.39
C3C 3PE L . 0.61 23.57 22.86
C3D 3PE L . 1.63 24.12 21.90
C3E 3PE L . 1.74 23.38 20.59
C3F 3PE L . 2.23 21.96 20.72
C3G 3PE L . 3.58 21.83 21.37
C3H 3PE L . 4.71 22.53 20.65
C3I 3PE L . 4.98 21.99 19.27
O21 3PE L . -7.76 25.16 22.95
O22 3PE L . -7.34 25.87 25.02
C21 3PE L . -6.95 25.58 23.93
C22 3PE L . -5.51 25.59 23.48
C23 3PE L . -5.27 26.46 22.28
C24 3PE L . -3.91 26.19 21.65
C25 3PE L . -3.59 27.12 20.49
C26 3PE L . -2.36 26.74 19.72
C27 3PE L . -1.98 27.73 18.65
C28 3PE L . -0.86 27.28 17.73
C29 3PE L . 0.39 26.85 18.44
C2A 3PE L . 1.56 26.58 17.53
C2B 3PE L . 1.24 25.61 16.41
C2C 3PE L . 2.40 25.36 15.47
C2D 3PE L . 2.05 24.46 14.31
C2E 3PE L . 0.96 24.99 13.41
C2F 3PE L . 0.62 24.10 12.25
C1 CLR M . -1.66 1.24 31.33
C2 CLR M . -2.21 0.51 32.56
C3 CLR M . -3.44 1.18 33.11
C4 CLR M . -3.31 2.69 33.05
C5 CLR M . -1.87 3.16 32.90
C6 CLR M . -1.29 3.91 33.81
C7 CLR M . 0.16 4.28 33.83
C8 CLR M . 0.89 3.93 32.54
C9 CLR M . 0.38 2.60 31.96
C10 CLR M . -1.14 2.67 31.65
C11 CLR M . 1.22 2.15 30.76
C12 CLR M . 2.72 2.08 31.07
C13 CLR M . 3.26 3.42 31.57
C14 CLR M . 2.39 3.81 32.79
C15 CLR M . 3.14 4.99 33.41
C16 CLR M . 4.62 4.65 33.18
C17 CLR M . 4.66 3.41 32.26
C18 CLR M . 3.21 4.48 30.47
C19 CLR M . -1.45 3.62 30.49
C20 CLR M . 5.95 3.33 31.41
C21 CLR M . 6.12 2.02 30.65
C22 CLR M . 7.16 3.58 32.33
C23 CLR M . 8.48 3.73 31.61
C24 CLR M . 9.64 3.92 32.57
C25 CLR M . 11.00 4.13 31.92
C26 CLR M . 12.10 4.28 32.96
C27 CLR M . 10.99 5.35 30.99
O1 CLR M . -4.60 0.78 32.38
C01 C14 N . -1.61 20.68 30.87
C02 C14 N . -1.08 20.06 29.61
C03 C14 N . -1.37 18.57 29.50
C04 C14 N . -0.89 17.93 28.22
C05 C14 N . -1.25 16.47 28.11
C06 C14 N . -0.85 15.83 26.80
C07 C14 N . 0.62 15.77 26.54
C08 C14 N . 1.00 15.05 25.27
C09 C14 N . 2.48 14.99 24.99
C10 C14 N . 2.83 14.31 23.69
C11 C14 N . 4.30 14.27 23.39
C12 C14 N . 4.65 13.60 22.08
C13 C14 N . 6.12 13.59 21.74
C14 C14 N . 6.97 12.84 22.76
NA NA O . -0.22 -19.50 1.71
NA NA P . 6.76 -18.42 13.22
C10 XKC Q . 1.28 -11.03 10.04
C10 XKC Q . -0.77 -13.13 2.67
C13 XKC Q . -0.38 -12.29 9.02
C13 XKC Q . -0.39 -12.55 4.88
C15 XKC Q . 2.25 -17.10 7.24
C15 XKC Q . 1.94 -16.74 7.87
C02 XKC Q . 3.72 -11.19 9.36
C02 XKC Q . 0.78 -14.62 1.34
C04 XKC Q . -2.44 -12.48 10.12
C04 XKC Q . -2.20 -11.72 6.11
C05 XKC Q . 0.10 -13.93 7.16
C05 XKC Q . 1.62 -13.36 6.19
C06 XKC Q . 0.52 -15.34 7.58
C06 XKC Q . 1.19 -14.47 7.14
C07 XKC Q . 1.42 -16.01 6.56
C07 XKC Q . 1.57 -15.86 6.67
C08 XKC Q . 0.56 -16.63 5.47
C08 XKC Q . 0.39 -16.49 5.93
C11 XKC Q . 1.87 -12.54 8.29
C11 XKC Q . 1.17 -13.96 3.76
C12 XKC Q . 2.25 -11.60 9.23
C12 XKC Q . 0.39 -13.89 2.62
C14 XKC Q . 0.54 -12.89 8.18
C14 XKC Q . 0.78 -13.29 4.91
C16 XKC Q . 3.27 -16.52 8.22
C16 XKC Q . 3.29 -16.36 8.47
N01 XKC Q . 0.01 -11.40 9.90
N01 XKC Q . -1.11 -12.51 3.77
O03 XKC Q . -1.73 -12.63 8.93
O03 XKC Q . -0.82 -11.87 6.02
O09 XKC Q . 2.29 -15.06 5.99
O09 XKC Q . 2.67 -15.78 5.81
O17 XKC Q . 3.30 -16.93 9.41
O17 XKC Q . 3.54 -16.65 9.67
O18 XKC Q . 4.08 -15.62 7.84
O18 XKC Q . 4.15 -15.76 7.78
O19 XKC Q . 1.06 -16.95 4.36
O19 XKC Q . 0.54 -16.91 4.75
O20 XKC Q . -0.67 -16.79 5.67
O20 XKC Q . -0.72 -16.59 6.50
C01 C14 R . 11.93 4.46 19.08
C02 C14 R . 12.58 3.60 18.02
C03 C14 R . 13.82 4.20 17.42
C04 C14 R . 14.92 4.49 18.41
C05 C14 R . 16.20 4.99 17.78
C06 C14 R . 17.32 5.23 18.76
C07 C14 R . 18.64 5.54 18.10
C08 C14 R . 19.80 5.63 19.07
C09 C14 R . 21.15 5.68 18.40
C10 C14 R . 22.33 5.56 19.35
C11 C14 R . 23.65 5.33 18.69
C12 C14 R . 24.15 6.47 17.83
C13 C14 R . 24.46 7.73 18.61
C14 C14 R . 25.03 8.83 17.77
C01 C14 S . 13.34 9.82 15.39
C02 C14 S . 14.64 9.24 15.91
C03 C14 S . 15.87 9.80 15.24
C04 C14 S . 17.16 9.22 15.75
C05 C14 S . 18.40 9.74 15.05
C06 C14 S . 19.69 9.13 15.55
C07 C14 S . 20.92 9.58 14.81
C08 C14 S . 22.19 8.93 15.28
C09 C14 S . 23.43 9.32 14.51
C10 C14 S . 23.74 10.79 14.55
C11 C14 S . 25.04 11.17 13.88
C12 C14 S . 25.13 10.76 12.43
C13 C14 S . 26.42 11.13 11.75
C14 C14 S . 27.65 10.55 12.40
P 3PE T . 34.03 -8.09 18.45
N 3PE T . 36.22 -7.36 16.32
O11 3PE T . 32.56 -8.71 18.54
O12 3PE T . 34.39 -7.54 19.80
O13 3PE T . 34.95 -9.37 18.16
O14 3PE T . 34.06 -7.19 17.24
C11 3PE T . 36.38 -9.22 17.96
C12 3PE T . 36.71 -8.74 16.57
C1 3PE T . 31.43 -7.84 18.80
C2 3PE T . 30.12 -8.56 18.56
C3 3PE T . 28.95 -7.62 18.43
O31 3PE T . 27.83 -8.30 17.80
O32 3PE T . 27.49 -9.57 19.61
C31 3PE T . 27.13 -9.16 18.54
C32 3PE T . 25.82 -9.48 17.88
C33 3PE T . 24.65 -9.38 18.83
C34 3PE T . 24.32 -10.71 19.48
C35 3PE T . 23.76 -11.74 18.53
C36 3PE T . 22.51 -11.29 17.83
C37 3PE T . 21.33 -11.07 18.76
C38 3PE T . 20.71 -12.35 19.26
C39 3PE T . 19.97 -13.12 18.20
C3A 3PE T . 18.72 -12.44 17.70
C3B 3PE T . 17.62 -12.36 18.73
C3C 3PE T . 16.38 -11.64 18.27
C3D 3PE T . 15.17 -11.86 19.15
C3E 3PE T . 15.33 -11.38 20.57
C3F 3PE T . 14.23 -11.82 21.49
C3G 3PE T . 14.34 -11.29 22.90
C3H 3PE T . 13.36 -11.90 23.87
C3I 3PE T . 11.91 -11.80 23.45
O21 3PE T . 30.23 -9.46 17.42
O22 3PE T . 30.58 -11.20 18.76
C21 3PE T . 30.61 -10.72 17.66
C22 3PE T . 31.14 -11.44 16.44
C23 3PE T . 30.21 -12.48 15.91
C24 3PE T . 28.99 -11.88 15.25
C25 3PE T . 28.01 -12.90 14.70
C26 3PE T . 26.83 -12.30 13.97
C27 3PE T . 26.11 -11.25 14.78
C28 3PE T . 24.87 -10.70 14.11
C29 3PE T . 23.78 -11.72 13.90
C2A 3PE T . 22.52 -11.16 13.30
C2B 3PE T . 22.71 -10.48 11.98
C2C 3PE T . 21.42 -10.02 11.34
C1 CLR U . 30.54 -6.96 25.57
C2 CLR U . 31.78 -7.78 25.23
C3 CLR U . 32.72 -7.01 24.34
C4 CLR U . 32.02 -6.65 23.04
C5 CLR U . 30.52 -6.87 23.08
C6 CLR U . 29.90 -7.47 22.09
C7 CLR U . 28.42 -7.61 21.96
C8 CLR U . 27.66 -6.76 22.97
C9 CLR U . 28.33 -6.89 24.35
C10 CLR U . 29.80 -6.38 24.34
C11 CLR U . 27.50 -6.26 25.46
C12 CLR U . 26.04 -6.73 25.47
C13 CLR U . 25.36 -6.47 24.13
C14 CLR U . 26.21 -7.21 23.06
C15 CLR U . 25.35 -7.21 21.80
C16 CLR U . 23.91 -7.21 22.33
C17 CLR U . 23.98 -7.15 23.87
C18 CLR U . 25.29 -4.96 23.83
C19 CLR U . 29.86 -4.84 24.36
C20 CLR U . 22.70 -6.56 24.51
C21 CLR U . 22.58 -6.84 26.00
C22 CLR U . 21.45 -7.02 23.76
C23 CLR U . 21.02 -8.44 24.02
C24 CLR U . 19.74 -8.83 23.31
C25 CLR U . 18.44 -8.30 23.92
C26 CLR U . 18.07 -6.91 23.41
C27 CLR U . 17.29 -9.27 23.69
O1 CLR U . 33.12 -5.80 25.01
C1 CLR V . 26.55 -36.13 1.83
C2 CLR V . 27.79 -35.85 0.96
C3 CLR V . 27.80 -36.69 -0.29
C4 CLR V . 26.51 -36.52 -1.07
C5 CLR V . 25.28 -36.74 -0.22
C6 CLR V . 24.33 -37.58 -0.61
C7 CLR V . 23.02 -37.78 0.07
C8 CLR V . 22.76 -36.78 1.19
C9 CLR V . 24.06 -36.51 1.98
C10 CLR V . 25.21 -35.96 1.08
C11 CLR V . 23.80 -35.64 3.22
C12 CLR V . 22.67 -36.18 4.11
C13 CLR V . 21.38 -36.38 3.33
C14 CLR V . 21.71 -37.31 2.15
C15 CLR V . 20.35 -37.72 1.59
C16 CLR V . 19.48 -37.86 2.85
C17 CLR V . 20.25 -37.21 4.02
C18 CLR V . 20.79 -35.03 2.86
C19 CLR V . 25.00 -34.48 0.74
C20 CLR V . 19.31 -36.54 5.03
C21 CLR V . 20.04 -35.86 6.18
C22 CLR V . 18.30 -37.56 5.56
C23 CLR V . 16.85 -37.26 5.26
C24 CLR V . 16.18 -38.35 4.47
C25 CLR V . 14.70 -38.58 4.79
C26 CLR V . 14.03 -39.46 3.76
C27 CLR V . 13.95 -37.26 4.93
O1 CLR V . 28.91 -36.32 -1.11
C1 CLR W . 7.62 -22.56 -26.28
C2 CLR W . 9.08 -22.33 -26.68
C3 CLR W . 9.19 -21.21 -27.70
C4 CLR W . 8.58 -19.95 -27.13
C5 CLR W . 7.14 -20.15 -26.69
C6 CLR W . 6.17 -19.38 -27.15
C7 CLR W . 4.75 -19.45 -26.71
C8 CLR W . 4.55 -20.31 -25.47
C9 CLR W . 5.38 -21.60 -25.60
C10 CLR W . 6.91 -21.31 -25.72
C11 CLR W . 5.07 -22.57 -24.44
C12 CLR W . 3.58 -22.88 -24.32
C13 CLR W . 2.74 -21.60 -24.12
C14 CLR W . 3.08 -20.69 -25.32
C15 CLR W . 2.05 -19.57 -25.24
C16 CLR W . 0.77 -20.29 -24.75
C17 CLR W . 1.20 -21.73 -24.32
C18 CLR W . 3.06 -20.93 -22.78
C19 CLR W . 7.53 -20.92 -24.36
C20 CLR W . 0.27 -22.32 -23.23
C21 CLR W . 0.81 -23.61 -22.62
C22 CLR W . -1.13 -22.57 -23.81
C23 CLR W . -2.16 -21.47 -23.63
C24 CLR W . -2.67 -21.31 -22.22
C25 CLR W . -1.88 -20.36 -21.32
C26 CLR W . -2.54 -20.21 -19.95
C27 CLR W . -1.71 -19.00 -21.98
O1 CLR W . 10.57 -21.00 -28.02
P 3PE X . -19.79 -30.01 -10.55
N 3PE X . -22.70 -32.38 -10.06
O11 3PE X . -18.33 -30.34 -9.96
O12 3PE X . -19.91 -28.54 -10.82
O13 3PE X . -20.76 -30.36 -9.31
O14 3PE X . -20.04 -31.00 -11.65
C11 3PE X . -22.18 -30.07 -9.38
C12 3PE X . -22.85 -30.94 -10.40
C1 3PE X . -17.16 -30.26 -10.83
C2 3PE X . -16.86 -28.84 -11.22
C3 3PE X . -16.66 -27.91 -10.04
O31 3PE X . -15.96 -26.73 -10.52
O32 3PE X . -14.13 -27.11 -9.30
C31 3PE X . -14.66 -26.69 -10.31
C32 3PE X . -13.92 -26.16 -11.51
C33 3PE X . -13.31 -24.81 -11.29
C34 3PE X . -14.33 -23.70 -11.21
C35 3PE X . -14.66 -23.01 -12.52
C36 3PE X . -15.53 -23.80 -13.48
C37 3PE X . -14.78 -24.57 -14.54
C38 3PE X . -13.95 -23.71 -15.47
C39 3PE X . -13.62 -24.38 -16.79
C3A 3PE X . -12.86 -25.68 -16.64
C3B 3PE X . -11.36 -25.57 -16.75
C3C 3PE X . -10.87 -25.16 -18.11
C3D 3PE X . -9.38 -25.32 -18.31
C3E 3PE X . -8.53 -24.43 -17.45
C3F 3PE X . -8.67 -22.95 -17.74
C3G 3PE X . -8.36 -22.56 -19.16
C3H 3PE X . -6.95 -22.87 -19.60
C3I 3PE X . -5.89 -22.13 -18.84
O21 3PE X . -15.69 -28.76 -12.08
O22 3PE X . -16.81 -29.57 -13.84
C21 3PE X . -15.82 -29.07 -13.38
C22 3PE X . -14.60 -28.68 -14.17
C23 3PE X . -13.34 -29.31 -13.68
C24 3PE X . -12.10 -28.65 -14.24
C25 3PE X . -10.81 -29.32 -13.83
C26 3PE X . -9.56 -28.56 -14.20
C27 3PE X . -8.28 -29.31 -13.90
C28 3PE X . -7.02 -28.50 -14.08
C29 3PE X . -6.89 -27.85 -15.44
C2A 3PE X . -5.55 -27.19 -15.67
C2B 3PE X . -5.15 -26.20 -14.60
C2C 3PE X . -3.80 -25.57 -14.82
C2D 3PE X . -3.36 -24.66 -13.70
C2E 3PE X . -3.24 -25.34 -12.36
C2F 3PE X . -2.80 -24.43 -11.23
C1 CLR Y . -24.15 -5.21 -19.38
C2 CLR Y . -25.58 -4.78 -19.69
C3 CLR Y . -26.59 -5.80 -19.22
C4 CLR Y . -26.09 -7.21 -19.43
C5 CLR Y . -24.98 -7.28 -20.46
C6 CLR Y . -25.12 -7.97 -21.59
C7 CLR Y . -24.14 -7.96 -22.73
C8 CLR Y . -22.80 -7.30 -22.39
C9 CLR Y . -23.02 -6.09 -21.47
C10 CLR Y . -23.71 -6.48 -20.13
C11 CLR Y . -21.72 -5.30 -21.26
C12 CLR Y . -21.05 -4.89 -22.57
C13 CLR Y . -20.77 -6.11 -23.47
C14 CLR Y . -22.11 -6.84 -23.66
C15 CLR Y . -21.82 -7.86 -24.76
C16 CLR Y . -20.82 -7.14 -25.68
C17 CLR Y . -20.42 -5.82 -24.96
C18 CLR Y . -19.71 -7.01 -22.83
C19 CLR Y . -22.80 -7.35 -19.26
C20 CLR Y . -19.01 -5.34 -25.37
C21 CLR Y . -18.67 -3.95 -24.84
C22 CLR Y . -18.87 -5.38 -26.90
C23 CLR Y . -17.50 -5.11 -27.44
C24 CLR Y . -17.45 -5.12 -28.94
C25 CLR Y . -16.07 -4.91 -29.57
C26 CLR Y . -16.14 -4.90 -31.08
C27 CLR Y . -15.08 -5.97 -29.09
O1 CLR Y . -26.87 -5.61 -17.82
C01 C14 Z . -18.94 -23.84 -21.35
C02 C14 Z . -17.82 -22.96 -20.85
C03 C14 Z . -18.30 -21.60 -20.39
C04 C14 Z . -17.20 -20.71 -19.84
C05 C14 Z . -17.70 -19.38 -19.33
C06 C14 Z . -16.64 -18.52 -18.69
C07 C14 Z . -15.55 -18.06 -19.63
C08 C14 Z . -14.55 -17.12 -18.99
C09 C14 Z . -13.44 -16.68 -19.91
C10 C14 Z . -12.42 -15.79 -19.25
C11 C14 Z . -11.30 -15.35 -20.15
C12 C14 Z . -10.27 -14.47 -19.48
C13 C14 Z . -9.12 -14.05 -20.36
C14 C14 Z . -9.55 -13.24 -21.57
#